data_6KHO
#
_entry.id   6KHO
#
_cell.length_a   155.733
_cell.length_b   155.733
_cell.length_c   102.182
_cell.angle_alpha   90.000
_cell.angle_beta   90.000
_cell.angle_gamma   120.000
#
_symmetry.space_group_name_H-M   'P 31 2 1'
#
loop_
_entity.id
_entity.type
_entity.pdbx_description
1 polymer 'Tryptophan decarboxylase 1'
2 non-polymer "PYRIDOXAL-5'-PHOSPHATE"
3 non-polymer 'ACETATE ION'
4 non-polymer 'CALCIUM ION'
5 non-polymer DI(HYDROXYETHYL)ETHER
6 water water
#
_entity_poly.entity_id   1
_entity_poly.type   'polypeptide(L)'
_entity_poly.pdbx_seq_one_letter_code
;MGSLDTNPTAFSAFPAGEGETFQPLNADDVRSYLHKAVDFISDYYKSVESMPVLPNVKPGYLQDELRASPPTYSAPFDVT
MKELRSSVVPGMTHWASPNFFAFFPSTNSAAAIAGDLIASAMNTVGFTWQASPAATEMEVLALDWLAQMLNLPTSFMNRT
GEGRGTGGGVILGTTSEAMLVTLVAARDAALRRSGSDGVAGLHRLAVYAADQTHSTFFKACRLAGFDPANIRSIPTGAET
DYGLDPARLLEAMQADADAGLVPTYVCATVGTTSSNAVDPVGAVADVAARFAAWVHVDAAYAGSACICPEFRHHLDGVER
VDSISMSPHKWLMTCLDCTCLYVRDTHRLTGSLETNPEYLKNHASDSGEVTDLKDMQVGVGRRFRGLKLWMVMRTYGVAK
LQEHIRSDVAMAKVFEDLVRGDDRFEVVVPRNFALVCFRIRAGAGAAAATEEDADEANRELMERLNKTGKAYVAHTVVGG
RFVLRFAVGSSLQEEHHVRSAWELIKKTTTEMMN
;
_entity_poly.pdbx_strand_id   A,B
#
loop_
_chem_comp.id
_chem_comp.type
_chem_comp.name
_chem_comp.formula
ACT non-polymer 'ACETATE ION' 'C2 H3 O2 -1'
CA non-polymer 'CALCIUM ION' 'Ca 2'
PEG non-polymer DI(HYDROXYETHYL)ETHER 'C4 H10 O3'
PLP non-polymer PYRIDOXAL-5'-PHOSPHATE 'C8 H10 N O6 P'
#
# COMPACT_ATOMS: atom_id res chain seq x y z
N THR A 21 -16.72 -2.36 -28.14
CA THR A 21 -18.10 -2.13 -27.75
C THR A 21 -18.31 -2.28 -26.24
N PHE A 22 -17.46 -3.02 -25.53
CA PHE A 22 -17.51 -3.03 -24.07
C PHE A 22 -16.70 -1.85 -23.56
N GLN A 23 -17.36 -0.91 -22.89
CA GLN A 23 -16.71 0.31 -22.42
C GLN A 23 -16.91 0.39 -20.91
N PRO A 24 -15.92 -0.04 -20.13
CA PRO A 24 -16.11 -0.11 -18.68
C PRO A 24 -16.27 1.25 -18.00
N LEU A 25 -15.88 2.35 -18.65
CA LEU A 25 -16.07 3.68 -18.08
C LEU A 25 -17.12 4.48 -18.84
N ASN A 26 -18.09 3.80 -19.45
CA ASN A 26 -19.13 4.53 -20.15
C ASN A 26 -19.91 5.41 -19.17
N ALA A 27 -20.41 6.54 -19.69
CA ALA A 27 -20.99 7.57 -18.83
C ALA A 27 -22.17 7.03 -18.03
N ASP A 28 -23.05 6.25 -18.68
CA ASP A 28 -24.24 5.74 -18.01
C ASP A 28 -23.88 4.89 -16.80
N ASP A 29 -22.95 3.94 -16.99
CA ASP A 29 -22.57 3.02 -15.90
C ASP A 29 -21.85 3.75 -14.78
N VAL A 30 -20.93 4.66 -15.12
CA VAL A 30 -20.22 5.41 -14.09
C VAL A 30 -21.19 6.12 -13.18
N ARG A 31 -22.18 6.80 -13.75
CA ARG A 31 -23.12 7.53 -12.91
C ARG A 31 -24.01 6.58 -12.11
N SER A 32 -24.57 5.55 -12.75
CA SER A 32 -25.55 4.76 -12.02
C SER A 32 -24.88 3.82 -11.00
N TYR A 33 -23.75 3.18 -11.34
CA TYR A 33 -23.07 2.35 -10.35
C TYR A 33 -22.70 3.17 -9.12
N LEU A 34 -22.14 4.36 -9.33
CA LEU A 34 -21.72 5.17 -8.19
C LEU A 34 -22.90 5.69 -7.39
N HIS A 35 -24.02 6.03 -8.06
CA HIS A 35 -25.21 6.45 -7.32
C HIS A 35 -25.74 5.32 -6.46
N LYS A 36 -25.71 4.10 -6.99
CA LYS A 36 -26.14 2.94 -6.21
C LYS A 36 -25.20 2.68 -5.04
N ALA A 37 -23.89 2.87 -5.25
CA ALA A 37 -22.94 2.76 -4.14
C ALA A 37 -23.21 3.83 -3.08
N VAL A 38 -23.53 5.06 -3.49
CA VAL A 38 -23.78 6.11 -2.50
C VAL A 38 -25.04 5.81 -1.70
N ASP A 39 -26.08 5.30 -2.38
CA ASP A 39 -27.30 4.91 -1.67
C ASP A 39 -27.01 3.81 -0.65
N PHE A 40 -26.25 2.78 -1.05
CA PHE A 40 -25.83 1.78 -0.08
C PHE A 40 -25.14 2.40 1.12
N ILE A 41 -24.23 3.36 0.88
CA ILE A 41 -23.47 3.95 1.98
C ILE A 41 -24.40 4.72 2.92
N SER A 42 -25.33 5.50 2.35
CA SER A 42 -26.30 6.20 3.20
C SER A 42 -27.10 5.23 4.05
N ASP A 43 -27.59 4.14 3.44
CA ASP A 43 -28.35 3.14 4.17
C ASP A 43 -27.48 2.47 5.23
N TYR A 44 -26.22 2.20 4.88
CA TYR A 44 -25.33 1.50 5.80
C TYR A 44 -25.12 2.32 7.07
N TYR A 45 -24.83 3.62 6.93
CA TYR A 45 -24.60 4.42 8.12
C TYR A 45 -25.88 4.54 8.96
N LYS A 46 -27.04 4.63 8.30
CA LYS A 46 -28.28 4.76 9.07
C LYS A 46 -28.63 3.47 9.78
N SER A 47 -28.20 2.32 9.27
CA SER A 47 -28.62 1.04 9.82
C SER A 47 -27.52 0.29 10.58
N VAL A 48 -26.27 0.75 10.57
CA VAL A 48 -25.19 -0.09 11.10
C VAL A 48 -25.35 -0.33 12.60
N GLU A 49 -25.81 0.69 13.35
CA GLU A 49 -25.92 0.54 14.80
C GLU A 49 -26.87 -0.58 15.19
N SER A 50 -27.87 -0.85 14.35
CA SER A 50 -28.88 -1.87 14.58
C SER A 50 -28.37 -3.27 14.26
N MET A 51 -27.23 -3.39 13.60
CA MET A 51 -26.63 -4.67 13.31
C MET A 51 -25.76 -5.11 14.49
N PRO A 52 -25.54 -6.42 14.67
CA PRO A 52 -24.56 -6.86 15.66
C PRO A 52 -23.16 -6.45 15.19
N VAL A 53 -22.39 -5.87 16.11
CA VAL A 53 -21.04 -5.41 15.73
C VAL A 53 -20.23 -6.57 15.15
N LEU A 54 -20.19 -7.70 15.87
CA LEU A 54 -19.51 -8.89 15.37
C LEU A 54 -20.51 -9.80 14.65
N PRO A 55 -20.10 -10.47 13.59
CA PRO A 55 -21.02 -11.32 12.84
C PRO A 55 -21.12 -12.72 13.45
N ASN A 56 -22.04 -13.48 12.89
CA ASN A 56 -22.31 -14.85 13.32
C ASN A 56 -22.21 -15.78 12.11
N VAL A 57 -21.00 -15.90 11.58
CA VAL A 57 -20.73 -16.76 10.42
C VAL A 57 -19.60 -17.70 10.79
N LYS A 58 -19.52 -18.80 10.06
CA LYS A 58 -18.44 -19.76 10.21
C LYS A 58 -17.40 -19.54 9.12
N PRO A 59 -16.14 -19.84 9.41
CA PRO A 59 -15.11 -19.79 8.36
C PRO A 59 -15.52 -20.62 7.16
N GLY A 60 -15.42 -20.03 5.97
CA GLY A 60 -15.77 -20.70 4.73
C GLY A 60 -17.15 -20.41 4.19
N TYR A 61 -17.96 -19.64 4.91
CA TYR A 61 -19.33 -19.40 4.47
C TYR A 61 -19.39 -18.69 3.12
N LEU A 62 -18.39 -17.84 2.81
CA LEU A 62 -18.56 -16.92 1.69
C LEU A 62 -18.56 -17.65 0.35
N GLN A 63 -17.55 -18.50 0.12
CA GLN A 63 -17.54 -19.27 -1.12
C GLN A 63 -18.77 -20.18 -1.24
N ASP A 64 -19.29 -20.67 -0.11
CA ASP A 64 -20.55 -21.42 -0.17
C ASP A 64 -21.66 -20.58 -0.80
N GLU A 65 -21.78 -19.32 -0.40
CA GLU A 65 -22.88 -18.45 -0.87
C GLU A 65 -22.61 -17.87 -2.25
N LEU A 66 -21.51 -17.15 -2.41
CA LEU A 66 -21.10 -16.83 -3.77
C LEU A 66 -20.65 -18.15 -4.38
N ARG A 67 -20.16 -18.18 -5.58
CA ARG A 67 -19.80 -19.53 -5.97
C ARG A 67 -18.29 -19.74 -5.88
N ALA A 68 -17.87 -20.98 -6.18
CA ALA A 68 -16.44 -21.29 -6.21
C ALA A 68 -15.77 -20.74 -7.47
N SER A 69 -16.54 -20.41 -8.50
CA SER A 69 -15.95 -19.95 -9.74
C SER A 69 -16.56 -18.62 -10.15
N PRO A 70 -15.79 -17.79 -10.86
CA PRO A 70 -16.36 -16.53 -11.35
C PRO A 70 -17.39 -16.81 -12.45
N PRO A 71 -18.36 -15.93 -12.61
CA PRO A 71 -19.36 -16.12 -13.68
C PRO A 71 -18.73 -15.94 -15.05
N THR A 72 -19.24 -16.71 -16.03
CA THR A 72 -18.79 -16.55 -17.41
C THR A 72 -19.33 -15.26 -18.00
N TYR A 73 -20.57 -14.93 -17.68
CA TYR A 73 -21.31 -13.86 -18.31
C TYR A 73 -21.47 -12.69 -17.35
N SER A 74 -21.93 -11.56 -17.88
CA SER A 74 -22.06 -10.36 -17.08
C SER A 74 -23.38 -10.36 -16.31
N ALA A 75 -23.47 -9.48 -15.31
CA ALA A 75 -24.68 -9.31 -14.53
C ALA A 75 -24.93 -7.83 -14.28
N PRO A 76 -26.19 -7.42 -14.16
CA PRO A 76 -26.48 -6.03 -13.79
C PRO A 76 -25.83 -5.70 -12.46
N PHE A 77 -25.31 -4.48 -12.36
CA PHE A 77 -24.64 -4.08 -11.14
C PHE A 77 -25.59 -4.12 -9.94
N ASP A 78 -26.91 -4.05 -10.18
CA ASP A 78 -27.86 -4.24 -9.08
C ASP A 78 -27.68 -5.60 -8.42
N VAL A 79 -27.29 -6.63 -9.20
CA VAL A 79 -27.09 -7.96 -8.64
C VAL A 79 -25.82 -8.00 -7.78
N THR A 80 -24.75 -7.35 -8.24
CA THR A 80 -23.54 -7.23 -7.43
C THR A 80 -23.85 -6.57 -6.09
N MET A 81 -24.61 -5.47 -6.11
CA MET A 81 -24.98 -4.79 -4.87
C MET A 81 -25.91 -5.64 -4.01
N LYS A 82 -26.79 -6.44 -4.61
CA LYS A 82 -27.62 -7.31 -3.79
C LYS A 82 -26.76 -8.37 -3.06
N GLU A 83 -25.79 -8.95 -3.76
CA GLU A 83 -24.88 -9.89 -3.10
C GLU A 83 -24.02 -9.21 -2.05
N LEU A 84 -23.63 -7.96 -2.27
CA LEU A 84 -22.99 -7.19 -1.22
C LEU A 84 -23.85 -7.14 0.03
N ARG A 85 -25.14 -6.80 -0.14
CA ARG A 85 -26.01 -6.65 1.03
C ARG A 85 -26.36 -7.99 1.66
N SER A 86 -26.48 -9.05 0.86
CA SER A 86 -26.97 -10.34 1.34
C SER A 86 -25.86 -11.23 1.92
N SER A 87 -24.68 -11.21 1.32
CA SER A 87 -23.63 -12.17 1.70
C SER A 87 -22.40 -11.53 2.30
N VAL A 88 -22.08 -10.28 1.95
CA VAL A 88 -20.87 -9.63 2.47
C VAL A 88 -21.17 -8.92 3.78
N VAL A 89 -22.09 -7.96 3.76
CA VAL A 89 -22.42 -7.15 4.95
C VAL A 89 -22.75 -8.00 6.18
N PRO A 90 -23.51 -9.09 6.06
CA PRO A 90 -23.82 -9.88 7.28
C PRO A 90 -22.62 -10.62 7.85
N GLY A 91 -21.55 -10.80 7.09
CA GLY A 91 -20.33 -11.41 7.57
C GLY A 91 -19.25 -10.44 7.98
N MET A 92 -19.54 -9.14 8.01
CA MET A 92 -18.59 -8.11 8.40
C MET A 92 -18.57 -7.91 9.90
N THR A 93 -17.39 -7.53 10.41
CA THR A 93 -17.29 -6.83 11.69
C THR A 93 -17.41 -5.33 11.40
N HIS A 94 -18.31 -4.65 12.12
CA HIS A 94 -18.64 -3.28 11.74
C HIS A 94 -17.75 -2.29 12.47
N TRP A 95 -16.59 -2.01 11.87
CA TRP A 95 -15.71 -0.97 12.39
C TRP A 95 -16.41 0.38 12.47
N ALA A 96 -17.37 0.65 11.59
CA ALA A 96 -18.08 1.91 11.59
C ALA A 96 -19.16 2.00 12.66
N SER A 97 -19.47 0.90 13.34
CA SER A 97 -20.54 0.92 14.31
C SER A 97 -20.20 1.88 15.46
N PRO A 98 -21.17 2.64 15.97
CA PRO A 98 -20.92 3.41 17.19
C PRO A 98 -20.63 2.55 18.41
N ASN A 99 -20.85 1.24 18.32
CA ASN A 99 -20.59 0.32 19.42
C ASN A 99 -19.33 -0.51 19.20
N PHE A 100 -18.52 -0.16 18.20
CA PHE A 100 -17.21 -0.77 18.02
C PHE A 100 -16.24 -0.09 18.99
N PHE A 101 -15.70 -0.85 19.96
CA PHE A 101 -14.84 -0.29 21.00
C PHE A 101 -13.45 -0.91 21.03
N ALA A 102 -13.05 -1.63 19.98
CA ALA A 102 -11.83 -2.43 19.97
C ALA A 102 -10.68 -1.69 19.26
N PHE A 103 -9.45 -2.16 19.53
CA PHE A 103 -8.23 -1.72 18.85
C PHE A 103 -8.14 -0.19 18.94
N PHE A 104 -7.98 0.52 17.83
CA PHE A 104 -8.29 1.95 17.78
C PHE A 104 -9.29 2.18 16.65
N PRO A 105 -10.21 3.13 16.80
CA PRO A 105 -11.21 3.33 15.74
C PRO A 105 -10.55 3.76 14.44
N SER A 106 -11.19 3.41 13.32
CA SER A 106 -10.78 3.89 12.01
C SER A 106 -11.69 5.08 11.70
N THR A 107 -11.31 6.27 12.20
CA THR A 107 -12.20 7.41 12.07
C THR A 107 -12.24 7.87 10.62
N ASN A 108 -13.38 8.42 10.21
CA ASN A 108 -13.65 8.66 8.80
C ASN A 108 -14.44 9.96 8.67
N SER A 109 -14.59 10.42 7.42
CA SER A 109 -15.33 11.65 7.16
C SER A 109 -15.78 11.68 5.72
N ALA A 110 -16.86 12.42 5.47
CA ALA A 110 -17.37 12.53 4.11
C ALA A 110 -16.34 13.14 3.16
N ALA A 111 -15.55 14.11 3.65
CA ALA A 111 -14.53 14.72 2.81
C ALA A 111 -13.46 13.70 2.39
N ALA A 112 -13.06 12.83 3.32
CA ALA A 112 -12.02 11.86 3.01
C ALA A 112 -12.50 10.80 2.03
N ILE A 113 -13.72 10.31 2.23
CA ILE A 113 -14.30 9.34 1.30
C ILE A 113 -14.47 9.96 -0.08
N ALA A 114 -14.94 11.22 -0.14
CA ALA A 114 -15.05 11.93 -1.40
C ALA A 114 -13.70 12.04 -2.09
N GLY A 115 -12.66 12.43 -1.33
CA GLY A 115 -11.34 12.57 -1.90
C GLY A 115 -10.79 11.26 -2.43
N ASP A 116 -10.99 10.17 -1.67
CA ASP A 116 -10.48 8.89 -2.15
C ASP A 116 -11.25 8.39 -3.35
N LEU A 117 -12.56 8.65 -3.41
CA LEU A 117 -13.34 8.31 -4.59
C LEU A 117 -12.81 9.04 -5.83
N ILE A 118 -12.54 10.34 -5.69
CA ILE A 118 -12.02 11.10 -6.83
C ILE A 118 -10.65 10.55 -7.25
N ALA A 119 -9.80 10.21 -6.27
CA ALA A 119 -8.49 9.68 -6.62
C ALA A 119 -8.61 8.35 -7.34
N SER A 120 -9.55 7.50 -6.91
CA SER A 120 -9.75 6.20 -7.55
C SER A 120 -10.24 6.34 -8.98
N ALA A 121 -10.99 7.39 -9.27
CA ALA A 121 -11.53 7.54 -10.62
C ALA A 121 -10.49 8.13 -11.57
N MET A 122 -9.75 9.14 -11.13
CA MET A 122 -8.68 9.68 -11.95
C MET A 122 -7.56 8.66 -12.13
N ASN A 123 -7.27 7.92 -11.06
CA ASN A 123 -6.42 6.73 -11.10
C ASN A 123 -5.04 7.04 -11.68
N THR A 124 -4.46 8.17 -11.29
CA THR A 124 -3.10 8.47 -11.70
C THR A 124 -2.11 7.65 -10.86
N VAL A 125 -0.93 7.42 -11.43
CA VAL A 125 0.13 6.65 -10.78
C VAL A 125 1.34 7.58 -10.60
N GLY A 126 1.62 7.99 -9.37
CA GLY A 126 2.55 9.07 -9.16
C GLY A 126 3.97 8.70 -8.77
N PHE A 127 4.60 7.77 -9.50
CA PHE A 127 5.96 7.36 -9.15
C PHE A 127 6.95 8.51 -9.30
N THR A 128 6.75 9.38 -10.29
CA THR A 128 7.54 10.59 -10.46
C THR A 128 6.62 11.80 -10.46
N TRP A 129 7.23 12.95 -10.16
CA TRP A 129 6.54 14.24 -10.30
C TRP A 129 5.93 14.40 -11.69
N GLN A 130 6.71 14.09 -12.74
CA GLN A 130 6.24 14.28 -14.09
C GLN A 130 5.05 13.38 -14.41
N ALA A 131 5.03 12.17 -13.83
CA ALA A 131 3.94 11.21 -13.97
C ALA A 131 2.59 11.78 -13.58
N SER A 132 2.56 12.86 -12.75
CA SER A 132 1.41 13.70 -12.46
C SER A 132 1.76 14.78 -11.45
N PRO A 133 2.15 15.98 -11.90
CA PRO A 133 2.65 17.00 -10.96
C PRO A 133 1.74 17.29 -9.78
N ALA A 134 0.44 17.48 -10.01
CA ALA A 134 -0.48 17.81 -8.93
C ALA A 134 -0.49 16.74 -7.83
N ALA A 135 -0.33 15.47 -8.20
CA ALA A 135 -0.40 14.41 -7.19
C ALA A 135 0.75 14.50 -6.21
N THR A 136 1.95 14.79 -6.72
CA THR A 136 3.11 14.89 -5.85
C THR A 136 3.14 16.22 -5.10
N GLU A 137 2.81 17.31 -5.78
CA GLU A 137 2.83 18.61 -5.11
C GLU A 137 1.73 18.72 -4.06
N MET A 138 0.57 18.10 -4.29
CA MET A 138 -0.45 18.13 -3.25
C MET A 138 -0.08 17.24 -2.07
N GLU A 139 0.57 16.11 -2.34
CA GLU A 139 1.05 15.30 -1.22
C GLU A 139 2.04 16.09 -0.38
N VAL A 140 2.97 16.80 -1.02
CA VAL A 140 3.91 17.63 -0.27
C VAL A 140 3.16 18.72 0.51
N LEU A 141 2.17 19.34 -0.11
CA LEU A 141 1.43 20.40 0.58
C LEU A 141 0.65 19.86 1.77
N ALA A 142 -0.04 18.72 1.59
CA ALA A 142 -0.77 18.12 2.70
C ALA A 142 0.16 17.76 3.85
N LEU A 143 1.32 17.19 3.53
CA LEU A 143 2.28 16.87 4.59
C LEU A 143 2.72 18.11 5.33
N ASP A 144 2.99 19.18 4.60
CA ASP A 144 3.40 20.44 5.21
C ASP A 144 2.31 21.01 6.11
N TRP A 145 1.06 21.03 5.62
CA TRP A 145 -0.04 21.51 6.45
C TRP A 145 -0.15 20.71 7.74
N LEU A 146 -0.10 19.37 7.63
CA LEU A 146 -0.19 18.54 8.83
C LEU A 146 0.99 18.79 9.78
N ALA A 147 2.19 18.95 9.22
CA ALA A 147 3.34 19.28 10.06
C ALA A 147 3.12 20.60 10.80
N GLN A 148 2.45 21.55 10.16
CA GLN A 148 2.12 22.81 10.84
C GLN A 148 1.12 22.59 11.96
N MET A 149 0.07 21.81 11.72
CA MET A 149 -0.88 21.49 12.79
C MET A 149 -0.19 20.81 13.96
N LEU A 150 0.73 19.88 13.67
CA LEU A 150 1.46 19.16 14.71
C LEU A 150 2.54 20.00 15.35
N ASN A 151 2.82 21.18 14.80
CA ASN A 151 3.93 21.99 15.27
C ASN A 151 5.25 21.22 15.23
N LEU A 152 5.44 20.43 14.18
CA LEU A 152 6.74 19.81 14.00
C LEU A 152 7.81 20.89 13.80
N PRO A 153 9.03 20.66 14.32
CA PRO A 153 10.15 21.53 13.96
C PRO A 153 10.28 21.67 12.45
N THR A 154 10.76 22.84 12.01
CA THR A 154 10.88 23.09 10.58
C THR A 154 11.91 22.16 9.93
N SER A 155 12.81 21.58 10.71
CA SER A 155 13.74 20.61 10.16
C SER A 155 13.04 19.39 9.54
N PHE A 156 11.75 19.19 9.83
CA PHE A 156 11.03 18.04 9.25
C PHE A 156 10.28 18.36 7.96
N MET A 157 10.29 19.59 7.47
CA MET A 157 9.67 19.83 6.18
C MET A 157 10.54 20.75 5.33
N ASN A 158 10.14 20.91 4.07
CA ASN A 158 10.93 21.67 3.10
C ASN A 158 10.05 22.73 2.44
N GLY A 163 16.58 28.61 1.23
CA GLY A 163 16.02 27.28 1.13
C GLY A 163 17.07 26.18 1.23
N ARG A 164 17.51 25.91 2.45
CA ARG A 164 18.59 24.96 2.70
C ARG A 164 18.16 23.71 3.45
N GLY A 165 16.88 23.56 3.75
CA GLY A 165 16.44 22.41 4.53
C GLY A 165 16.65 21.08 3.81
N THR A 166 16.81 20.03 4.61
CA THR A 166 16.92 18.67 4.11
C THR A 166 15.78 17.77 4.58
N GLY A 167 14.82 18.29 5.35
CA GLY A 167 13.72 17.49 5.83
C GLY A 167 12.63 17.31 4.77
N GLY A 168 11.75 16.36 5.03
CA GLY A 168 10.62 16.16 4.14
C GLY A 168 9.84 14.95 4.60
N GLY A 169 8.81 14.61 3.81
CA GLY A 169 7.88 13.58 4.23
C GLY A 169 7.39 12.77 3.05
N VAL A 170 6.65 11.72 3.37
CA VAL A 170 6.00 10.88 2.37
C VAL A 170 4.78 10.24 3.01
N ILE A 171 3.70 10.13 2.24
CA ILE A 171 2.54 9.37 2.67
C ILE A 171 2.73 7.93 2.23
N LEU A 172 2.69 7.01 3.19
CA LEU A 172 2.79 5.58 2.96
C LEU A 172 1.47 4.92 3.37
N GLY A 173 1.35 3.63 3.06
CA GLY A 173 0.16 2.90 3.46
C GLY A 173 0.11 2.58 4.93
N THR A 174 1.26 2.25 5.54
CA THR A 174 1.26 1.65 6.87
C THR A 174 2.44 2.15 7.70
N THR A 175 2.29 2.04 9.02
CA THR A 175 3.42 2.28 9.91
C THR A 175 4.53 1.27 9.65
N SER A 176 4.18 0.03 9.29
CA SER A 176 5.21 -0.97 9.03
C SER A 176 6.16 -0.53 7.91
N GLU A 177 5.62 0.01 6.81
CA GLU A 177 6.50 0.49 5.74
C GLU A 177 7.35 1.67 6.21
N ALA A 178 6.78 2.55 7.03
CA ALA A 178 7.56 3.67 7.56
C ALA A 178 8.70 3.15 8.45
N MET A 179 8.42 2.12 9.25
CA MET A 179 9.48 1.51 10.03
C MET A 179 10.50 0.85 9.14
N LEU A 180 10.04 0.14 8.11
CA LEU A 180 10.96 -0.63 7.28
C LEU A 180 11.93 0.30 6.54
N VAL A 181 11.43 1.38 5.96
CA VAL A 181 12.33 2.20 5.15
C VAL A 181 13.32 2.95 6.04
N THR A 182 12.91 3.37 7.24
CA THR A 182 13.89 4.02 8.12
C THR A 182 14.87 3.02 8.71
N LEU A 183 14.41 1.79 9.00
CA LEU A 183 15.35 0.74 9.42
C LEU A 183 16.39 0.47 8.34
N VAL A 184 15.96 0.49 7.06
CA VAL A 184 16.89 0.21 5.98
C VAL A 184 17.91 1.35 5.87
N ALA A 185 17.46 2.59 6.01
CA ALA A 185 18.41 3.71 5.98
C ALA A 185 19.40 3.62 7.13
N ALA A 186 18.92 3.34 8.34
CA ALA A 186 19.81 3.22 9.49
C ALA A 186 20.77 2.06 9.31
N ARG A 187 20.26 0.91 8.85
CA ARG A 187 21.08 -0.26 8.58
C ARG A 187 22.21 0.07 7.61
N ASP A 188 21.88 0.71 6.49
CA ASP A 188 22.89 0.94 5.47
C ASP A 188 23.98 1.87 5.98
N ALA A 189 23.60 2.88 6.77
CA ALA A 189 24.57 3.80 7.33
C ALA A 189 25.47 3.11 8.34
N ALA A 190 24.90 2.24 9.18
CA ALA A 190 25.69 1.54 10.18
C ALA A 190 26.70 0.59 9.53
N LEU A 191 26.25 -0.18 8.54
CA LEU A 191 27.16 -1.07 7.82
C LEU A 191 28.30 -0.29 7.16
N ARG A 192 27.99 0.85 6.57
CA ARG A 192 29.02 1.62 5.87
C ARG A 192 30.05 2.17 6.86
N ARG A 193 29.59 2.78 7.96
CA ARG A 193 30.54 3.41 8.86
C ARG A 193 31.30 2.41 9.72
N SER A 194 30.72 1.25 10.02
CA SER A 194 31.38 0.24 10.84
C SER A 194 32.32 -0.66 10.03
N GLY A 195 32.39 -0.50 8.71
CA GLY A 195 33.32 -1.27 7.94
C GLY A 195 32.91 -2.69 7.67
N SER A 196 31.61 -2.95 7.56
CA SER A 196 31.14 -4.27 7.17
C SER A 196 31.71 -4.64 5.80
N ASP A 197 32.07 -5.91 5.64
CA ASP A 197 32.47 -6.43 4.33
C ASP A 197 31.19 -6.85 3.61
N GLY A 198 30.63 -5.92 2.82
CA GLY A 198 29.31 -6.18 2.26
C GLY A 198 28.29 -6.27 3.38
N VAL A 199 27.49 -7.33 3.39
CA VAL A 199 26.55 -7.57 4.49
C VAL A 199 27.09 -8.59 5.50
N ALA A 200 28.37 -8.97 5.38
CA ALA A 200 28.96 -9.86 6.38
C ALA A 200 28.81 -9.31 7.79
N GLY A 201 28.79 -7.98 7.93
CA GLY A 201 28.66 -7.34 9.21
C GLY A 201 27.25 -7.16 9.74
N LEU A 202 26.24 -7.62 9.00
CA LEU A 202 24.85 -7.40 9.43
C LEU A 202 24.54 -8.08 10.75
N HIS A 203 25.18 -9.23 11.02
CA HIS A 203 24.88 -9.93 12.26
C HIS A 203 25.43 -9.22 13.50
N ARG A 204 26.15 -8.12 13.34
CA ARG A 204 26.62 -7.35 14.48
C ARG A 204 25.78 -6.12 14.79
N LEU A 205 24.77 -5.79 13.97
CA LEU A 205 23.92 -4.64 14.23
C LEU A 205 22.84 -4.99 15.24
N ALA A 206 22.55 -4.05 16.14
CA ALA A 206 21.51 -4.26 17.14
C ALA A 206 20.48 -3.14 17.07
N VAL A 207 19.23 -3.48 17.41
CA VAL A 207 18.12 -2.53 17.42
C VAL A 207 17.33 -2.72 18.71
N TYR A 208 16.62 -1.65 19.10
CA TYR A 208 16.04 -1.51 20.43
C TYR A 208 14.63 -0.94 20.38
N ALA A 209 13.74 -1.52 21.18
CA ALA A 209 12.43 -0.93 21.41
C ALA A 209 11.88 -1.47 22.72
N ALA A 210 10.99 -0.70 23.34
CA ALA A 210 10.28 -1.18 24.51
C ALA A 210 9.41 -2.39 24.18
N ASP A 211 9.14 -3.21 25.20
CA ASP A 211 8.28 -4.37 24.96
C ASP A 211 6.83 -3.98 24.71
N GLN A 212 6.46 -2.70 24.86
CA GLN A 212 5.12 -2.25 24.46
C GLN A 212 5.04 -1.85 22.99
N THR A 213 6.17 -1.84 22.29
CA THR A 213 6.16 -1.45 20.88
C THR A 213 5.35 -2.45 20.07
N HIS A 214 4.62 -1.94 19.08
CA HIS A 214 3.78 -2.78 18.24
C HIS A 214 4.59 -3.91 17.61
N SER A 215 3.98 -5.09 17.55
CA SER A 215 4.68 -6.27 17.03
C SER A 215 5.21 -6.06 15.62
N THR A 216 4.60 -5.16 14.86
CA THR A 216 5.03 -4.92 13.48
C THR A 216 6.43 -4.31 13.39
N PHE A 217 6.92 -3.64 14.44
CA PHE A 217 8.30 -3.15 14.42
C PHE A 217 9.28 -4.30 14.37
N PHE A 218 9.10 -5.29 15.23
CA PHE A 218 10.01 -6.42 15.25
C PHE A 218 9.98 -7.20 13.96
N LYS A 219 8.80 -7.26 13.31
CA LYS A 219 8.71 -7.91 12.01
C LYS A 219 9.47 -7.13 10.94
N ALA A 220 9.36 -5.80 10.96
CA ALA A 220 10.11 -4.98 10.01
C ALA A 220 11.62 -5.17 10.19
N CYS A 221 12.06 -5.28 11.44
CA CYS A 221 13.48 -5.59 11.71
C CYS A 221 13.90 -6.88 11.00
N ARG A 222 13.10 -7.94 11.17
CA ARG A 222 13.41 -9.20 10.51
C ARG A 222 13.38 -9.07 8.99
N LEU A 223 12.41 -8.31 8.46
CA LEU A 223 12.36 -8.08 7.01
C LEU A 223 13.66 -7.48 6.50
N ALA A 224 14.15 -6.44 7.18
CA ALA A 224 15.36 -5.74 6.78
C ALA A 224 16.63 -6.55 7.04
N GLY A 225 16.53 -7.72 7.65
CA GLY A 225 17.67 -8.61 7.79
C GLY A 225 18.44 -8.52 9.09
N PHE A 226 17.91 -7.86 10.10
CA PHE A 226 18.57 -7.83 11.40
C PHE A 226 18.48 -9.21 12.04
N ASP A 227 19.53 -9.58 12.77
CA ASP A 227 19.54 -10.87 13.44
C ASP A 227 18.54 -10.88 14.59
N PRO A 228 17.66 -11.89 14.67
CA PRO A 228 16.70 -11.94 15.79
C PRO A 228 17.34 -11.93 17.16
N ALA A 229 18.57 -12.46 17.29
CA ALA A 229 19.26 -12.42 18.57
C ALA A 229 19.66 -11.00 18.97
N ASN A 230 19.67 -10.05 18.03
CA ASN A 230 20.10 -8.69 18.30
C ASN A 230 18.94 -7.70 18.30
N ILE A 231 17.70 -8.17 18.21
CA ILE A 231 16.53 -7.32 18.29
C ILE A 231 16.09 -7.27 19.76
N ARG A 232 16.40 -6.16 20.44
CA ARG A 232 16.21 -6.04 21.88
C ARG A 232 14.82 -5.50 22.20
N SER A 233 14.03 -6.29 22.91
CA SER A 233 12.74 -5.86 23.44
C SER A 233 12.93 -5.52 24.91
N ILE A 234 12.98 -4.23 25.22
CA ILE A 234 13.36 -3.78 26.57
C ILE A 234 12.14 -3.88 27.49
N PRO A 235 12.26 -4.57 28.63
CA PRO A 235 11.12 -4.66 29.56
C PRO A 235 10.71 -3.31 30.11
N THR A 236 9.41 -3.15 30.33
CA THR A 236 8.83 -1.98 30.99
C THR A 236 7.96 -2.44 32.14
N GLY A 237 7.69 -1.53 33.06
CA GLY A 237 6.88 -1.90 34.20
C GLY A 237 6.02 -0.74 34.67
N ALA A 238 5.20 -1.03 35.69
CA ALA A 238 4.22 -0.07 36.15
C ALA A 238 4.88 1.18 36.73
N GLU A 239 6.16 1.09 37.07
CA GLU A 239 6.86 2.24 37.66
C GLU A 239 6.97 3.40 36.69
N THR A 240 6.97 3.15 35.38
CA THR A 240 6.97 4.20 34.36
C THR A 240 5.68 4.24 33.56
N ASP A 241 4.60 3.69 34.11
CA ASP A 241 3.33 3.51 33.39
C ASP A 241 3.58 2.81 32.05
N TYR A 242 4.51 1.87 32.07
CA TYR A 242 4.87 1.02 30.94
C TYR A 242 5.51 1.79 29.79
N GLY A 243 5.94 3.05 30.02
CA GLY A 243 6.81 3.72 29.07
C GLY A 243 8.25 3.26 29.20
N LEU A 244 9.02 3.48 28.13
CA LEU A 244 10.42 3.08 28.12
C LEU A 244 11.23 3.87 29.14
N ASP A 245 11.95 3.15 30.00
CA ASP A 245 12.87 3.78 30.95
C ASP A 245 14.20 4.04 30.23
N PRO A 246 14.63 5.30 30.08
CA PRO A 246 15.86 5.55 29.31
C PRO A 246 17.10 5.00 29.99
N ALA A 247 17.08 4.83 31.32
CA ALA A 247 18.20 4.17 31.98
C ALA A 247 18.31 2.72 31.53
N ARG A 248 17.18 2.02 31.40
CA ARG A 248 17.22 0.64 30.92
C ARG A 248 17.67 0.58 29.46
N LEU A 249 17.31 1.59 28.66
CA LEU A 249 17.76 1.62 27.27
C LEU A 249 19.27 1.83 27.19
N LEU A 250 19.79 2.79 27.97
CA LEU A 250 21.22 3.08 27.95
C LEU A 250 22.03 1.86 28.38
N GLU A 251 21.57 1.14 29.40
CA GLU A 251 22.31 -0.03 29.84
C GLU A 251 22.34 -1.11 28.76
N ALA A 252 21.21 -1.34 28.08
CA ALA A 252 21.18 -2.34 27.01
C ALA A 252 22.10 -1.95 25.86
N MET A 253 22.05 -0.68 25.44
CA MET A 253 22.86 -0.25 24.30
C MET A 253 24.34 -0.24 24.64
N GLN A 254 24.68 0.21 25.85
CA GLN A 254 26.09 0.22 26.28
C GLN A 254 26.64 -1.21 26.35
N ALA A 255 25.86 -2.13 26.92
CA ALA A 255 26.30 -3.53 26.99
C ALA A 255 26.58 -4.08 25.60
N ASP A 256 25.74 -3.75 24.62
CA ASP A 256 25.97 -4.20 23.25
C ASP A 256 27.24 -3.56 22.68
N ALA A 257 27.42 -2.26 22.89
CA ALA A 257 28.62 -1.59 22.40
C ALA A 257 29.87 -2.20 23.00
N ASP A 258 29.82 -2.52 24.29
CA ASP A 258 30.97 -3.15 24.96
C ASP A 258 31.25 -4.55 24.43
N ALA A 259 30.24 -5.23 23.86
CA ALA A 259 30.43 -6.57 23.34
C ALA A 259 30.84 -6.59 21.87
N GLY A 260 31.08 -5.42 21.28
CA GLY A 260 31.42 -5.36 19.88
C GLY A 260 30.25 -5.28 18.91
N LEU A 261 29.02 -5.17 19.41
CA LEU A 261 27.89 -4.97 18.50
C LEU A 261 27.74 -3.47 18.17
N VAL A 262 26.98 -3.20 17.11
CA VAL A 262 26.76 -1.82 16.66
C VAL A 262 25.31 -1.42 16.91
N PRO A 263 25.03 -0.62 17.95
CA PRO A 263 23.66 -0.13 18.15
C PRO A 263 23.27 0.77 16.99
N THR A 264 22.13 0.45 16.38
CA THR A 264 21.81 0.96 15.05
C THR A 264 20.54 1.80 15.00
N TYR A 265 19.54 1.51 15.83
CA TYR A 265 18.20 2.05 15.64
C TYR A 265 17.39 1.83 16.91
N VAL A 266 16.68 2.87 17.33
CA VAL A 266 15.77 2.80 18.47
C VAL A 266 14.38 3.26 18.03
N CYS A 267 13.35 2.50 18.40
CA CYS A 267 11.97 2.92 18.19
C CYS A 267 11.35 3.38 19.51
N ALA A 268 10.92 4.63 19.57
CA ALA A 268 10.16 5.14 20.70
C ALA A 268 8.70 5.29 20.27
N THR A 269 7.77 4.92 21.15
CA THR A 269 6.35 4.98 20.83
C THR A 269 5.64 6.00 21.70
N VAL A 270 4.88 6.89 21.07
CA VAL A 270 3.99 7.81 21.76
C VAL A 270 2.57 7.28 21.55
N GLY A 271 2.01 6.64 22.58
CA GLY A 271 0.68 6.06 22.47
C GLY A 271 0.70 4.59 22.09
N THR A 272 1.20 3.74 22.97
CA THR A 272 1.33 2.33 22.63
C THR A 272 -0.04 1.69 22.42
N THR A 273 -0.04 0.58 21.68
CA THR A 273 -1.29 -0.06 21.29
C THR A 273 -2.01 -0.66 22.50
N SER A 274 -1.26 -1.28 23.41
CA SER A 274 -1.89 -1.98 24.52
C SER A 274 -2.57 -1.00 25.47
N SER A 275 -1.80 -0.07 26.05
CA SER A 275 -2.31 0.76 27.14
C SER A 275 -2.02 2.25 26.95
N ASN A 276 -1.65 2.69 25.74
CA ASN A 276 -1.34 4.09 25.49
C ASN A 276 -0.24 4.62 26.41
N ALA A 277 0.77 3.80 26.64
CA ALA A 277 1.97 4.31 27.28
C ALA A 277 2.69 5.29 26.34
N VAL A 278 3.50 6.17 26.91
CA VAL A 278 4.20 7.19 26.14
C VAL A 278 5.67 7.16 26.52
N ASP A 279 6.53 6.85 25.56
CA ASP A 279 7.98 6.87 25.78
C ASP A 279 8.49 8.31 25.85
N PRO A 280 9.47 8.61 26.72
CA PRO A 280 9.99 9.98 26.81
C PRO A 280 10.93 10.30 25.65
N VAL A 281 10.43 11.04 24.65
CA VAL A 281 11.10 11.11 23.35
C VAL A 281 12.48 11.76 23.48
N GLY A 282 12.54 12.92 24.13
CA GLY A 282 13.81 13.60 24.26
C GLY A 282 14.86 12.78 24.98
N ALA A 283 14.47 12.17 26.10
CA ALA A 283 15.43 11.37 26.87
C ALA A 283 15.93 10.17 26.07
N VAL A 284 15.07 9.59 25.22
CA VAL A 284 15.50 8.46 24.39
C VAL A 284 16.50 8.93 23.33
N ALA A 285 16.22 10.06 22.68
CA ALA A 285 17.11 10.55 21.63
C ALA A 285 18.49 10.85 22.21
N ASP A 286 18.53 11.40 23.42
CA ASP A 286 19.81 11.72 24.06
C ASP A 286 20.61 10.45 24.33
N VAL A 287 19.94 9.40 24.80
CA VAL A 287 20.63 8.14 25.02
C VAL A 287 21.16 7.58 23.71
N ALA A 288 20.32 7.59 22.67
CA ALA A 288 20.75 7.01 21.40
C ALA A 288 21.86 7.81 20.75
N ALA A 289 21.93 9.11 21.03
CA ALA A 289 22.97 9.94 20.43
C ALA A 289 24.35 9.55 20.92
N ARG A 290 24.47 8.93 22.09
CA ARG A 290 25.76 8.43 22.55
C ARG A 290 26.32 7.39 21.61
N PHE A 291 25.45 6.73 20.82
CA PHE A 291 25.88 5.68 19.90
C PHE A 291 25.66 6.04 18.44
N ALA A 292 25.19 7.25 18.15
CA ALA A 292 24.81 7.69 16.80
C ALA A 292 23.73 6.79 16.21
N ALA A 293 22.85 6.27 17.05
CA ALA A 293 21.81 5.38 16.55
C ALA A 293 20.64 6.19 16.00
N TRP A 294 19.99 5.65 14.97
CA TRP A 294 18.76 6.26 14.44
C TRP A 294 17.65 6.16 15.47
N VAL A 295 16.90 7.25 15.64
CA VAL A 295 15.73 7.26 16.51
C VAL A 295 14.48 7.55 15.67
N HIS A 296 13.56 6.60 15.65
CA HIS A 296 12.24 6.79 15.04
C HIS A 296 11.17 6.84 16.12
N VAL A 297 10.24 7.80 16.00
CA VAL A 297 9.09 7.90 16.89
C VAL A 297 7.86 7.35 16.17
N ASP A 298 7.25 6.31 16.74
CA ASP A 298 5.98 5.75 16.25
C ASP A 298 4.85 6.39 17.04
N ALA A 299 4.10 7.29 16.39
CA ALA A 299 2.94 7.94 17.01
C ALA A 299 1.69 7.68 16.18
N ALA A 300 1.54 6.43 15.75
CA ALA A 300 0.51 6.07 14.76
C ALA A 300 -0.87 6.55 15.15
N TYR A 301 -1.24 6.36 16.41
CA TYR A 301 -2.55 6.75 16.93
C TYR A 301 -2.52 8.13 17.56
N ALA A 302 -1.70 8.30 18.60
CA ALA A 302 -1.75 9.51 19.41
C ALA A 302 -1.13 10.72 18.74
N GLY A 303 -0.38 10.55 17.66
CA GLY A 303 0.13 11.70 16.92
C GLY A 303 -0.96 12.70 16.56
N SER A 304 -2.14 12.22 16.15
CA SER A 304 -3.22 13.12 15.77
C SER A 304 -3.63 14.04 16.92
N ALA A 305 -3.57 13.56 18.16
CA ALA A 305 -3.94 14.41 19.29
C ALA A 305 -2.97 15.56 19.48
N CYS A 306 -1.78 15.48 18.91
CA CYS A 306 -0.75 16.48 19.11
C CYS A 306 -0.96 17.73 18.26
N ILE A 307 -2.05 17.78 17.48
CA ILE A 307 -2.48 19.04 16.89
C ILE A 307 -3.14 19.94 17.91
N CYS A 308 -3.40 19.43 19.14
CA CYS A 308 -3.94 20.20 20.26
C CYS A 308 -2.82 20.59 21.21
N PRO A 309 -2.75 21.85 21.64
CA PRO A 309 -1.63 22.29 22.49
C PRO A 309 -1.46 21.49 23.79
N GLU A 310 -2.56 21.04 24.39
CA GLU A 310 -2.46 20.32 25.65
C GLU A 310 -1.88 18.92 25.50
N PHE A 311 -1.74 18.40 24.27
CA PHE A 311 -1.12 17.10 24.05
C PHE A 311 0.26 17.21 23.40
N ARG A 312 0.62 18.38 22.86
CA ARG A 312 1.85 18.50 22.10
C ARG A 312 3.09 18.26 22.95
N HIS A 313 2.97 18.28 24.29
CA HIS A 313 4.12 18.00 25.13
C HIS A 313 4.61 16.56 25.01
N HIS A 314 3.74 15.63 24.59
CA HIS A 314 4.17 14.25 24.39
C HIS A 314 5.20 14.12 23.28
N LEU A 315 5.37 15.15 22.45
CA LEU A 315 6.34 15.11 21.37
C LEU A 315 7.57 15.96 21.66
N ASP A 316 7.69 16.52 22.87
CA ASP A 316 8.90 17.28 23.19
C ASP A 316 10.13 16.40 23.02
N GLY A 317 11.13 16.93 22.34
CA GLY A 317 12.31 16.18 21.99
C GLY A 317 12.32 15.68 20.57
N VAL A 318 11.18 15.76 19.86
CA VAL A 318 11.11 15.27 18.48
C VAL A 318 12.12 16.02 17.60
N GLU A 319 12.46 17.26 17.98
CA GLU A 319 13.49 17.98 17.24
C GLU A 319 14.84 17.30 17.26
N ARG A 320 15.04 16.28 18.09
CA ARG A 320 16.30 15.56 18.16
C ARG A 320 16.23 14.14 17.61
N VAL A 321 15.11 13.71 17.04
CA VAL A 321 15.01 12.36 16.49
C VAL A 321 15.21 12.43 14.99
N ASP A 322 15.37 11.26 14.36
CA ASP A 322 15.61 11.24 12.92
C ASP A 322 14.33 11.16 12.10
N SER A 323 13.27 10.58 12.66
CA SER A 323 12.06 10.35 11.88
C SER A 323 10.90 10.14 12.83
N ILE A 324 9.69 10.41 12.32
CA ILE A 324 8.46 10.26 13.11
C ILE A 324 7.35 9.95 12.12
N SER A 325 6.47 9.02 12.51
CA SER A 325 5.32 8.66 11.70
C SER A 325 4.06 8.71 12.55
N MET A 326 2.94 9.02 11.89
CA MET A 326 1.63 8.91 12.49
C MET A 326 0.63 8.63 11.39
N SER A 327 -0.54 8.12 11.78
CA SER A 327 -1.53 7.65 10.81
C SER A 327 -2.80 8.47 10.92
N PRO A 328 -3.05 9.37 10.00
CA PRO A 328 -4.38 10.00 9.92
C PRO A 328 -5.48 8.96 9.79
N HIS A 329 -5.18 7.77 9.25
CA HIS A 329 -6.26 6.78 9.15
C HIS A 329 -6.59 6.13 10.49
N LYS A 330 -5.92 6.52 11.56
CA LYS A 330 -6.41 6.15 12.89
C LYS A 330 -7.36 7.23 13.38
N TRP A 331 -6.81 8.35 13.85
CA TRP A 331 -7.57 9.34 14.61
C TRP A 331 -7.69 10.69 13.91
N LEU A 332 -7.55 10.75 12.59
CA LEU A 332 -7.70 12.06 11.93
C LEU A 332 -8.67 11.99 10.75
N MET A 333 -9.72 11.18 10.88
CA MET A 333 -10.90 11.21 9.99
C MET A 333 -10.56 10.99 8.52
N THR A 334 -9.49 10.26 8.23
CA THR A 334 -9.07 9.96 6.87
C THR A 334 -9.10 8.45 6.68
N CYS A 335 -9.92 7.96 5.76
CA CYS A 335 -10.07 6.51 5.60
C CYS A 335 -8.75 5.86 5.21
N LEU A 336 -8.61 4.58 5.55
CA LEU A 336 -7.40 3.83 5.17
C LEU A 336 -7.21 3.83 3.66
N ASP A 337 -5.95 3.78 3.19
CA ASP A 337 -4.73 3.86 4.01
C ASP A 337 -4.14 5.27 3.97
N CYS A 338 -3.53 5.69 5.08
CA CYS A 338 -2.89 7.00 5.14
C CYS A 338 -1.96 7.08 6.35
N THR A 339 -0.66 6.83 6.16
CA THR A 339 0.33 7.01 7.22
C THR A 339 1.35 8.03 6.73
N CYS A 340 1.66 9.00 7.57
CA CYS A 340 2.58 10.08 7.21
C CYS A 340 3.92 9.86 7.90
N LEU A 341 5.00 9.85 7.12
CA LEU A 341 6.35 9.71 7.64
C LEU A 341 7.11 11.02 7.39
N TYR A 342 7.75 11.54 8.43
CA TYR A 342 8.59 12.74 8.34
C TYR A 342 10.02 12.38 8.74
N VAL A 343 10.99 12.91 7.99
CA VAL A 343 12.41 12.66 8.28
C VAL A 343 13.16 13.98 8.26
N ARG A 344 14.23 14.06 9.07
CA ARG A 344 15.02 15.29 9.07
C ARG A 344 15.99 15.36 7.90
N ASP A 345 16.32 14.22 7.27
CA ASP A 345 17.23 14.22 6.12
C ASP A 345 16.74 13.23 5.07
N THR A 346 16.01 13.72 4.07
CA THR A 346 15.48 12.82 3.06
C THR A 346 16.60 12.10 2.31
N HIS A 347 17.77 12.73 2.18
CA HIS A 347 18.89 12.09 1.50
C HIS A 347 19.27 10.75 2.13
N ARG A 348 19.08 10.61 3.44
CA ARG A 348 19.35 9.33 4.11
C ARG A 348 18.42 8.23 3.60
N LEU A 349 17.17 8.58 3.27
CA LEU A 349 16.23 7.58 2.75
C LEU A 349 16.42 7.35 1.26
N THR A 350 16.47 8.43 0.48
CA THR A 350 16.60 8.25 -0.97
C THR A 350 17.90 7.55 -1.32
N GLY A 351 18.95 7.70 -0.49
CA GLY A 351 20.20 7.00 -0.75
C GLY A 351 20.04 5.49 -0.81
N SER A 352 19.17 4.94 0.04
CA SER A 352 18.88 3.51 0.02
C SER A 352 17.75 3.13 -0.94
N LEU A 353 16.81 4.02 -1.22
CA LEU A 353 15.56 3.65 -1.88
C LEU A 353 15.47 4.07 -3.33
N GLU A 354 16.36 4.94 -3.81
CA GLU A 354 16.21 5.49 -5.15
C GLU A 354 16.60 4.46 -6.20
N THR A 355 15.97 4.60 -7.38
CA THR A 355 16.32 3.89 -8.60
C THR A 355 16.29 4.91 -9.73
N ASN A 356 16.90 4.56 -10.86
CA ASN A 356 16.94 5.48 -12.01
C ASN A 356 16.76 4.69 -13.29
N PRO A 357 15.64 3.97 -13.42
CA PRO A 357 15.42 3.20 -14.66
C PRO A 357 15.18 4.13 -15.84
N GLU A 358 15.69 3.72 -17.00
CA GLU A 358 15.69 4.58 -18.18
C GLU A 358 14.28 5.01 -18.57
N TYR A 359 13.31 4.11 -18.46
CA TYR A 359 11.96 4.40 -18.97
C TYR A 359 11.25 5.48 -18.14
N LEU A 360 11.75 5.80 -16.94
CA LEU A 360 11.15 6.84 -16.11
C LEU A 360 11.88 8.17 -16.17
N LYS A 361 13.01 8.24 -16.87
CA LYS A 361 13.82 9.46 -16.87
C LYS A 361 13.05 10.62 -17.47
N ASN A 362 13.26 11.82 -16.92
CA ASN A 362 12.59 13.02 -17.40
C ASN A 362 13.35 14.24 -16.92
N HIS A 363 13.11 15.37 -17.60
CA HIS A 363 13.87 16.58 -17.34
C HIS A 363 13.69 17.06 -15.91
N ALA A 364 12.47 17.02 -15.38
CA ALA A 364 12.23 17.51 -14.01
C ALA A 364 13.00 16.69 -12.98
N SER A 365 12.93 15.35 -13.09
CA SER A 365 13.71 14.50 -12.21
C SER A 365 15.20 14.80 -12.31
N ASP A 366 15.71 14.96 -13.54
CA ASP A 366 17.14 15.22 -13.74
C ASP A 366 17.58 16.53 -13.10
N SER A 367 16.67 17.50 -13.03
CA SER A 367 17.02 18.84 -12.55
C SER A 367 17.31 18.87 -11.05
N GLY A 368 16.93 17.84 -10.31
CA GLY A 368 17.07 17.89 -8.87
C GLY A 368 16.04 18.74 -8.15
N GLU A 369 15.09 19.34 -8.87
CA GLU A 369 14.19 20.29 -8.21
C GLU A 369 12.91 19.64 -7.71
N VAL A 370 12.69 18.35 -7.97
CA VAL A 370 11.52 17.62 -7.48
C VAL A 370 11.99 16.38 -6.74
N THR A 371 11.17 15.90 -5.82
CA THR A 371 11.39 14.59 -5.22
C THR A 371 10.39 13.62 -5.83
N ASP A 372 10.90 12.59 -6.50
CA ASP A 372 10.04 11.52 -7.01
C ASP A 372 9.77 10.56 -5.87
N LEU A 373 8.49 10.37 -5.54
CA LEU A 373 8.17 9.71 -4.28
C LEU A 373 8.35 8.19 -4.35
N LYS A 374 8.56 7.62 -5.55
CA LYS A 374 9.07 6.26 -5.60
C LYS A 374 10.39 6.10 -4.84
N ASP A 375 11.15 7.18 -4.68
CA ASP A 375 12.43 7.12 -4.01
C ASP A 375 12.30 7.29 -2.50
N MET A 376 11.08 7.35 -1.98
CA MET A 376 10.83 7.46 -0.54
C MET A 376 9.97 6.31 -0.01
N GLN A 377 9.83 5.23 -0.78
CA GLN A 377 8.92 4.13 -0.43
C GLN A 377 9.51 2.84 -0.98
N VAL A 378 8.84 1.73 -0.68
CA VAL A 378 9.28 0.42 -1.19
C VAL A 378 9.01 0.27 -2.68
N GLY A 379 7.77 0.56 -3.11
CA GLY A 379 7.34 0.26 -4.47
C GLY A 379 7.59 1.39 -5.46
N VAL A 380 7.08 1.21 -6.67
CA VAL A 380 7.22 2.19 -7.74
C VAL A 380 5.94 2.99 -7.84
N GLY A 381 4.84 2.35 -8.27
CA GLY A 381 3.57 3.05 -8.38
C GLY A 381 2.99 3.45 -7.03
N ARG A 382 2.04 4.38 -7.07
CA ARG A 382 1.39 4.87 -5.86
C ARG A 382 0.14 5.65 -6.24
N ARG A 383 -0.89 5.53 -5.39
CA ARG A 383 -2.14 6.28 -5.47
C ARG A 383 -1.93 7.74 -5.08
N PHE A 384 -2.87 8.58 -5.51
CA PHE A 384 -2.97 9.98 -5.13
C PHE A 384 -3.61 10.09 -3.74
N ARG A 385 -2.84 9.68 -2.72
CA ARG A 385 -3.33 9.71 -1.34
C ARG A 385 -3.36 11.11 -0.75
N GLY A 386 -2.58 12.05 -1.32
CA GLY A 386 -2.59 13.40 -0.80
C GLY A 386 -3.94 14.06 -0.89
N LEU A 387 -4.76 13.65 -1.86
CA LEU A 387 -6.02 14.35 -2.12
C LEU A 387 -6.96 14.26 -0.92
N LYS A 388 -7.17 13.06 -0.39
CA LYS A 388 -8.13 12.93 0.70
C LYS A 388 -7.64 13.64 1.96
N LEU A 389 -6.33 13.59 2.22
CA LEU A 389 -5.80 14.27 3.40
C LEU A 389 -5.95 15.79 3.28
N TRP A 390 -5.65 16.34 2.10
CA TRP A 390 -5.88 17.78 1.87
C TRP A 390 -7.36 18.13 1.98
N MET A 391 -8.23 17.29 1.43
CA MET A 391 -9.67 17.60 1.47
C MET A 391 -10.20 17.64 2.89
N VAL A 392 -9.69 16.76 3.76
CA VAL A 392 -10.11 16.78 5.16
C VAL A 392 -9.71 18.09 5.82
N MET A 393 -8.44 18.48 5.68
CA MET A 393 -7.98 19.72 6.29
C MET A 393 -8.62 20.95 5.64
N ARG A 394 -8.75 20.94 4.31
CA ARG A 394 -9.29 22.11 3.61
C ARG A 394 -10.77 22.32 3.93
N THR A 395 -11.54 21.24 4.06
CA THR A 395 -12.97 21.40 4.25
C THR A 395 -13.32 21.69 5.72
N TYR A 396 -12.71 20.96 6.65
CA TYR A 396 -13.07 21.06 8.06
C TYR A 396 -12.27 22.11 8.83
N GLY A 397 -10.98 22.28 8.51
CA GLY A 397 -10.16 23.27 9.18
C GLY A 397 -9.61 22.79 10.51
N VAL A 398 -8.62 23.54 11.02
CA VAL A 398 -7.87 23.10 12.21
C VAL A 398 -8.78 23.06 13.44
N ALA A 399 -9.59 24.10 13.63
CA ALA A 399 -10.40 24.21 14.83
C ALA A 399 -11.34 23.01 14.99
N LYS A 400 -11.98 22.58 13.89
CA LYS A 400 -12.85 21.40 13.96
C LYS A 400 -12.05 20.12 14.19
N LEU A 401 -10.88 19.99 13.55
CA LEU A 401 -10.05 18.82 13.81
C LEU A 401 -9.62 18.76 15.27
N GLN A 402 -9.29 19.91 15.86
CA GLN A 402 -8.96 19.95 17.28
C GLN A 402 -10.16 19.56 18.15
N GLU A 403 -11.35 20.08 17.81
CA GLU A 403 -12.52 19.76 18.64
C GLU A 403 -12.91 18.30 18.48
N HIS A 404 -12.61 17.68 17.33
CA HIS A 404 -12.82 16.24 17.16
C HIS A 404 -11.93 15.43 18.11
N ILE A 405 -10.64 15.79 18.22
CA ILE A 405 -9.78 15.14 19.22
C ILE A 405 -10.35 15.33 20.62
N ARG A 406 -10.68 16.58 20.98
CA ARG A 406 -11.05 16.90 22.36
C ARG A 406 -12.36 16.27 22.77
N SER A 407 -13.33 16.19 21.85
CA SER A 407 -14.60 15.57 22.19
C SER A 407 -14.46 14.07 22.38
N ASP A 408 -13.55 13.42 21.63
CA ASP A 408 -13.29 12.00 21.87
C ASP A 408 -12.65 11.79 23.23
N VAL A 409 -11.71 12.66 23.60
CA VAL A 409 -11.03 12.54 24.88
C VAL A 409 -12.03 12.77 26.01
N ALA A 410 -12.93 13.73 25.83
CA ALA A 410 -13.91 14.05 26.87
C ALA A 410 -14.89 12.90 27.06
N MET A 411 -15.32 12.25 25.97
CA MET A 411 -16.12 11.03 26.10
C MET A 411 -15.35 9.95 26.85
N ALA A 412 -14.06 9.77 26.53
CA ALA A 412 -13.25 8.79 27.25
C ALA A 412 -13.15 9.14 28.74
N LYS A 413 -13.08 10.44 29.06
CA LYS A 413 -13.01 10.83 30.46
C LYS A 413 -14.32 10.53 31.18
N VAL A 414 -15.45 10.68 30.48
CA VAL A 414 -16.74 10.28 31.04
C VAL A 414 -16.71 8.79 31.41
N PHE A 415 -16.23 7.95 30.49
CA PHE A 415 -16.19 6.52 30.75
C PHE A 415 -15.23 6.16 31.88
N GLU A 416 -14.07 6.83 31.93
CA GLU A 416 -13.08 6.54 32.97
C GLU A 416 -13.63 6.87 34.36
N ASP A 417 -14.28 8.02 34.49
CA ASP A 417 -14.87 8.41 35.76
C ASP A 417 -16.07 7.54 36.14
N LEU A 418 -16.72 6.92 35.16
CA LEU A 418 -17.77 5.96 35.49
C LEU A 418 -17.15 4.66 36.03
N VAL A 419 -16.04 4.20 35.44
CA VAL A 419 -15.36 3.02 35.95
C VAL A 419 -14.87 3.27 37.37
N ARG A 420 -14.38 4.48 37.65
CA ARG A 420 -13.81 4.79 38.96
C ARG A 420 -14.88 4.89 40.05
N GLY A 421 -16.13 5.16 39.69
CA GLY A 421 -17.24 5.21 40.61
C GLY A 421 -17.89 3.88 40.95
N ASP A 422 -17.27 2.77 40.56
CA ASP A 422 -17.81 1.43 40.81
C ASP A 422 -16.68 0.60 41.39
N ASP A 423 -16.80 0.23 42.66
CA ASP A 423 -15.70 -0.43 43.37
C ASP A 423 -15.47 -1.86 42.91
N ARG A 424 -16.32 -2.39 42.03
CA ARG A 424 -16.01 -3.69 41.44
C ARG A 424 -14.93 -3.59 40.37
N PHE A 425 -14.66 -2.39 39.89
CA PHE A 425 -13.78 -2.18 38.74
C PHE A 425 -12.58 -1.33 39.16
N GLU A 426 -11.48 -1.47 38.40
CA GLU A 426 -10.33 -0.60 38.55
C GLU A 426 -9.85 -0.14 37.18
N VAL A 427 -9.38 1.10 37.12
CA VAL A 427 -8.70 1.63 35.95
C VAL A 427 -7.23 1.27 36.07
N VAL A 428 -6.72 0.51 35.11
CA VAL A 428 -5.43 -0.16 35.29
C VAL A 428 -4.25 0.81 35.12
N VAL A 429 -4.32 1.73 34.16
CA VAL A 429 -3.24 2.70 33.96
C VAL A 429 -3.88 4.08 33.81
N PRO A 430 -3.10 5.15 33.98
CA PRO A 430 -3.64 6.48 33.69
C PRO A 430 -4.03 6.60 32.22
N ARG A 431 -5.10 7.35 31.96
CA ARG A 431 -5.60 7.55 30.60
C ARG A 431 -4.95 8.80 30.01
N ASN A 432 -4.18 8.62 28.93
CA ASN A 432 -3.54 9.76 28.26
C ASN A 432 -4.37 10.33 27.12
N PHE A 433 -5.14 9.48 26.42
CA PHE A 433 -5.83 9.91 25.22
C PHE A 433 -7.29 9.46 25.27
N ALA A 434 -7.76 8.68 24.29
CA ALA A 434 -9.17 8.29 24.26
C ALA A 434 -9.35 6.79 24.50
N LEU A 435 -8.35 6.13 25.08
CA LEU A 435 -8.42 4.72 25.42
C LEU A 435 -8.39 4.57 26.93
N VAL A 436 -9.34 3.80 27.47
CA VAL A 436 -9.40 3.50 28.89
C VAL A 436 -9.15 2.01 29.07
N CYS A 437 -8.22 1.66 29.94
CA CYS A 437 -7.97 0.27 30.29
C CYS A 437 -8.56 0.01 31.68
N PHE A 438 -9.38 -1.02 31.78
CA PHE A 438 -10.12 -1.28 33.01
C PHE A 438 -10.31 -2.78 33.16
N ARG A 439 -10.64 -3.21 34.38
CA ARG A 439 -10.93 -4.62 34.59
C ARG A 439 -11.75 -4.80 35.86
N ILE A 440 -12.37 -5.97 35.97
CA ILE A 440 -13.03 -6.39 37.20
C ILE A 440 -11.94 -6.63 38.26
N ARG A 441 -11.99 -5.87 39.34
CA ARG A 441 -11.06 -5.96 40.46
C ARG A 441 -11.13 -7.35 41.10
N ALA A 442 -10.03 -7.74 41.75
CA ALA A 442 -10.06 -8.91 42.61
C ALA A 442 -10.63 -8.52 43.97
N GLY A 443 -11.49 -9.40 44.51
CA GLY A 443 -12.25 -9.05 45.69
C GLY A 443 -13.49 -8.24 45.39
N ALA A 444 -13.92 -8.21 44.13
CA ALA A 444 -15.10 -7.46 43.73
C ALA A 444 -16.38 -8.26 43.90
N GLY A 445 -16.32 -9.58 43.69
CA GLY A 445 -17.46 -10.45 43.87
C GLY A 445 -16.98 -11.84 44.26
N ALA A 446 -17.95 -12.71 44.51
CA ALA A 446 -17.63 -14.09 44.87
C ALA A 446 -16.92 -14.82 43.73
N ALA A 447 -17.24 -14.46 42.48
CA ALA A 447 -16.61 -15.05 41.30
C ALA A 447 -15.26 -14.42 40.98
N ALA A 448 -14.72 -13.57 41.86
CA ALA A 448 -13.42 -12.92 41.67
C ALA A 448 -12.82 -12.65 43.06
N ALA A 449 -12.49 -13.74 43.77
CA ALA A 449 -11.79 -13.61 45.05
C ALA A 449 -10.29 -13.40 44.84
N THR A 450 -9.65 -14.35 44.16
CA THR A 450 -8.25 -14.22 43.76
C THR A 450 -8.15 -13.43 42.47
N GLU A 451 -6.90 -13.16 42.05
CA GLU A 451 -6.69 -12.42 40.82
C GLU A 451 -6.69 -13.32 39.59
N GLU A 452 -6.38 -14.61 39.77
CA GLU A 452 -6.57 -15.57 38.68
C GLU A 452 -8.05 -15.75 38.38
N ASP A 453 -8.90 -15.71 39.42
CA ASP A 453 -10.33 -15.73 39.21
C ASP A 453 -10.79 -14.48 38.48
N ALA A 454 -10.38 -13.30 38.95
CA ALA A 454 -10.74 -12.04 38.31
C ALA A 454 -10.32 -12.03 36.85
N ASP A 455 -9.21 -12.70 36.51
CA ASP A 455 -8.83 -12.85 35.12
C ASP A 455 -9.94 -13.53 34.32
N GLU A 456 -10.42 -14.69 34.80
CA GLU A 456 -11.46 -15.39 34.06
C GLU A 456 -12.79 -14.64 34.10
N ALA A 457 -13.04 -13.86 35.15
CA ALA A 457 -14.24 -13.03 35.17
C ALA A 457 -14.22 -11.99 34.05
N ASN A 458 -13.05 -11.40 33.81
CA ASN A 458 -12.95 -10.39 32.76
C ASN A 458 -13.10 -11.02 31.39
N ARG A 459 -12.52 -12.21 31.19
CA ARG A 459 -12.69 -12.89 29.91
C ARG A 459 -14.15 -13.25 29.67
N GLU A 460 -14.85 -13.66 30.73
CA GLU A 460 -16.28 -13.96 30.62
C GLU A 460 -17.06 -12.69 30.28
N LEU A 461 -16.79 -11.60 31.01
CA LEU A 461 -17.42 -10.31 30.72
C LEU A 461 -17.28 -9.94 29.25
N MET A 462 -16.04 -9.99 28.75
CA MET A 462 -15.77 -9.59 27.37
C MET A 462 -16.55 -10.44 26.37
N GLU A 463 -16.52 -11.76 26.54
CA GLU A 463 -17.21 -12.63 25.59
C GLU A 463 -18.71 -12.46 25.68
N ARG A 464 -19.22 -12.05 26.86
CA ARG A 464 -20.63 -11.79 27.06
C ARG A 464 -21.06 -10.47 26.43
N LEU A 465 -20.23 -9.43 26.55
CA LEU A 465 -20.57 -8.18 25.88
C LEU A 465 -20.60 -8.37 24.36
N ASN A 466 -19.70 -9.19 23.82
CA ASN A 466 -19.62 -9.37 22.38
C ASN A 466 -20.80 -10.17 21.82
N LYS A 467 -21.28 -11.19 22.55
CA LYS A 467 -22.42 -11.96 22.07
C LYS A 467 -23.68 -11.12 21.99
N THR A 468 -23.74 -10.06 22.79
CA THR A 468 -24.87 -9.14 22.79
C THR A 468 -25.10 -8.49 21.43
N GLY A 469 -24.03 -8.22 20.69
CA GLY A 469 -24.14 -7.45 19.48
C GLY A 469 -24.22 -5.95 19.69
N LYS A 470 -24.27 -5.49 20.93
CA LYS A 470 -24.27 -4.06 21.24
C LYS A 470 -22.90 -3.57 21.70
N ALA A 471 -21.87 -4.38 21.51
CA ALA A 471 -20.50 -4.00 21.83
C ALA A 471 -19.55 -4.89 21.06
N TYR A 472 -18.35 -4.37 20.82
CA TYR A 472 -17.19 -5.19 20.48
C TYR A 472 -16.06 -4.69 21.37
N VAL A 473 -15.65 -5.54 22.31
CA VAL A 473 -14.59 -5.25 23.25
C VAL A 473 -13.51 -6.31 23.06
N ALA A 474 -12.25 -5.88 23.05
CA ALA A 474 -11.16 -6.84 23.00
C ALA A 474 -10.20 -6.52 24.14
N HIS A 475 -9.28 -7.43 24.41
CA HIS A 475 -8.54 -7.39 25.65
C HIS A 475 -7.05 -7.19 25.38
N THR A 476 -6.32 -7.02 26.47
CA THR A 476 -4.87 -6.94 26.44
C THR A 476 -4.36 -7.46 27.78
N VAL A 477 -3.04 -7.55 27.90
CA VAL A 477 -2.37 -8.03 29.11
C VAL A 477 -1.46 -6.92 29.61
N VAL A 478 -1.73 -6.43 30.83
CA VAL A 478 -0.99 -5.32 31.42
C VAL A 478 -0.44 -5.79 32.76
N GLY A 479 0.89 -5.94 32.85
CA GLY A 479 1.50 -6.44 34.07
C GLY A 479 0.94 -7.77 34.49
N GLY A 480 0.97 -8.74 33.58
CA GLY A 480 0.50 -10.10 33.86
C GLY A 480 -0.98 -10.25 34.11
N ARG A 481 -1.77 -9.21 33.85
CA ARG A 481 -3.18 -9.18 34.18
C ARG A 481 -4.05 -9.10 32.93
N PHE A 482 -5.18 -9.79 32.96
CA PHE A 482 -6.18 -9.69 31.89
C PHE A 482 -6.91 -8.36 32.03
N VAL A 483 -6.88 -7.55 30.96
CA VAL A 483 -7.42 -6.20 30.98
C VAL A 483 -8.32 -5.99 29.77
N LEU A 484 -9.43 -5.29 29.97
CA LEU A 484 -10.31 -4.92 28.87
C LEU A 484 -9.94 -3.53 28.37
N ARG A 485 -9.77 -3.39 27.07
CA ARG A 485 -9.60 -2.08 26.45
C ARG A 485 -10.96 -1.51 26.04
N PHE A 486 -11.14 -0.21 26.28
CA PHE A 486 -12.30 0.55 25.81
C PHE A 486 -11.78 1.75 25.01
N ALA A 487 -11.76 1.61 23.68
CA ALA A 487 -11.18 2.61 22.78
C ALA A 487 -12.30 3.43 22.17
N VAL A 488 -12.43 4.67 22.64
CA VAL A 488 -13.50 5.58 22.25
C VAL A 488 -13.14 6.24 20.94
N GLY A 489 -14.14 6.51 20.10
CA GLY A 489 -13.93 7.43 18.98
C GLY A 489 -14.44 7.02 17.60
N SER A 490 -15.04 5.84 17.48
CA SER A 490 -15.73 5.50 16.24
C SER A 490 -16.55 6.69 15.76
N SER A 491 -16.44 7.02 14.46
CA SER A 491 -16.93 8.32 13.99
C SER A 491 -18.43 8.51 14.24
N LEU A 492 -19.23 7.44 14.15
CA LEU A 492 -20.67 7.56 14.39
C LEU A 492 -21.02 7.60 15.88
N GLN A 493 -20.04 7.42 16.75
CA GLN A 493 -20.30 7.21 18.17
C GLN A 493 -20.50 8.56 18.89
N GLU A 494 -21.57 8.64 19.68
CA GLU A 494 -21.87 9.81 20.49
C GLU A 494 -21.77 9.45 21.98
N GLU A 495 -21.89 10.48 22.82
CA GLU A 495 -21.72 10.27 24.25
C GLU A 495 -22.71 9.22 24.79
N HIS A 496 -23.95 9.23 24.29
CA HIS A 496 -24.94 8.31 24.85
C HIS A 496 -24.59 6.86 24.53
N HIS A 497 -23.85 6.62 23.45
CA HIS A 497 -23.39 5.27 23.16
C HIS A 497 -22.41 4.78 24.23
N VAL A 498 -21.52 5.67 24.69
CA VAL A 498 -20.54 5.27 25.71
C VAL A 498 -21.22 5.02 27.05
N ARG A 499 -22.16 5.89 27.43
CA ARG A 499 -22.89 5.70 28.68
C ARG A 499 -23.70 4.41 28.65
N SER A 500 -24.41 4.15 27.55
CA SER A 500 -25.16 2.89 27.43
C SER A 500 -24.22 1.68 27.46
N ALA A 501 -23.01 1.82 26.91
CA ALA A 501 -22.03 0.75 27.03
C ALA A 501 -21.66 0.49 28.48
N TRP A 502 -21.53 1.54 29.29
CA TRP A 502 -21.22 1.38 30.70
C TRP A 502 -22.34 0.63 31.43
N GLU A 503 -23.59 1.03 31.18
CA GLU A 503 -24.72 0.32 31.77
C GLU A 503 -24.72 -1.15 31.39
N LEU A 504 -24.35 -1.47 30.14
CA LEU A 504 -24.36 -2.86 29.72
C LEU A 504 -23.25 -3.64 30.41
N ILE A 505 -22.09 -3.01 30.62
CA ILE A 505 -21.01 -3.65 31.39
C ILE A 505 -21.46 -3.88 32.83
N LYS A 506 -21.98 -2.84 33.48
CA LYS A 506 -22.49 -2.98 34.84
C LYS A 506 -23.52 -4.10 34.93
N LYS A 507 -24.50 -4.08 34.01
CA LYS A 507 -25.58 -5.06 34.05
C LYS A 507 -25.05 -6.47 33.85
N THR A 508 -24.18 -6.67 32.85
CA THR A 508 -23.62 -7.98 32.59
C THR A 508 -22.78 -8.48 33.77
N THR A 509 -22.11 -7.57 34.48
CA THR A 509 -21.25 -7.96 35.59
C THR A 509 -22.07 -8.49 36.76
N THR A 510 -23.14 -7.78 37.12
CA THR A 510 -24.02 -8.23 38.20
C THR A 510 -24.59 -9.62 37.90
N GLU A 511 -25.12 -9.83 36.70
CA GLU A 511 -25.65 -11.14 36.33
C GLU A 511 -24.59 -12.24 36.38
N MET A 512 -23.30 -11.88 36.31
CA MET A 512 -22.25 -12.90 36.42
C MET A 512 -22.02 -13.34 37.86
N MET A 513 -22.30 -12.46 38.83
CA MET A 513 -22.05 -12.81 40.22
C MET A 513 -23.06 -13.83 40.73
N ASN A 514 -24.35 -13.55 40.59
CA ASN A 514 -25.39 -14.45 41.08
C ASN A 514 -25.46 -15.75 40.29
N THR B 21 -21.16 17.83 18.56
CA THR B 21 -22.19 18.33 17.64
C THR B 21 -21.68 18.34 16.20
N PHE B 22 -20.37 18.19 16.01
CA PHE B 22 -19.81 17.99 14.68
C PHE B 22 -19.81 16.50 14.37
N GLN B 23 -20.53 16.11 13.32
CA GLN B 23 -20.64 14.70 12.94
C GLN B 23 -20.09 14.56 11.53
N PRO B 24 -18.88 14.00 11.39
CA PRO B 24 -18.23 13.95 10.06
C PRO B 24 -18.92 13.04 9.06
N LEU B 25 -19.72 12.07 9.52
CA LEU B 25 -20.44 11.18 8.63
C LEU B 25 -21.95 11.41 8.72
N ASN B 26 -22.37 12.64 8.97
CA ASN B 26 -23.80 12.92 9.01
C ASN B 26 -24.42 12.70 7.65
N ALA B 27 -25.69 12.30 7.67
CA ALA B 27 -26.34 11.78 6.46
C ALA B 27 -26.36 12.83 5.35
N ASP B 28 -26.57 14.09 5.70
CA ASP B 28 -26.71 15.11 4.67
C ASP B 28 -25.38 15.35 3.94
N ASP B 29 -24.28 15.46 4.70
CA ASP B 29 -22.97 15.68 4.07
C ASP B 29 -22.51 14.48 3.27
N VAL B 30 -22.72 13.27 3.78
CA VAL B 30 -22.29 12.07 3.07
C VAL B 30 -22.91 12.04 1.67
N ARG B 31 -24.24 12.22 1.60
CA ARG B 31 -24.89 12.23 0.29
C ARG B 31 -24.41 13.41 -0.57
N SER B 32 -24.38 14.61 0.00
CA SER B 32 -24.12 15.76 -0.84
C SER B 32 -22.65 15.83 -1.29
N TYR B 33 -21.69 15.54 -0.40
CA TYR B 33 -20.29 15.51 -0.84
C TYR B 33 -20.09 14.43 -1.89
N LEU B 34 -20.64 13.24 -1.66
CA LEU B 34 -20.40 12.15 -2.59
C LEU B 34 -21.07 12.43 -3.94
N HIS B 35 -22.26 13.03 -3.93
CA HIS B 35 -22.92 13.37 -5.18
C HIS B 35 -22.11 14.41 -5.95
N LYS B 36 -21.48 15.35 -5.25
CA LYS B 36 -20.61 16.31 -5.93
C LYS B 36 -19.37 15.62 -6.51
N ALA B 37 -18.76 14.70 -5.75
CA ALA B 37 -17.66 13.90 -6.29
C ALA B 37 -18.10 13.11 -7.52
N VAL B 38 -19.26 12.46 -7.47
CA VAL B 38 -19.72 11.68 -8.61
C VAL B 38 -19.93 12.59 -9.81
N ASP B 39 -20.47 13.79 -9.58
CA ASP B 39 -20.65 14.74 -10.68
C ASP B 39 -19.31 15.13 -11.28
N PHE B 40 -18.32 15.43 -10.42
CA PHE B 40 -16.99 15.73 -10.92
C PHE B 40 -16.46 14.59 -11.77
N ILE B 41 -16.60 13.35 -11.29
CA ILE B 41 -16.06 12.20 -12.01
C ILE B 41 -16.74 12.03 -13.37
N SER B 42 -18.06 12.12 -13.40
CA SER B 42 -18.78 12.02 -14.68
C SER B 42 -18.29 13.07 -15.67
N ASP B 43 -18.18 14.32 -15.21
CA ASP B 43 -17.69 15.41 -16.06
C ASP B 43 -16.25 15.16 -16.49
N TYR B 44 -15.43 14.62 -15.58
CA TYR B 44 -14.02 14.38 -15.89
C TYR B 44 -13.87 13.40 -17.05
N TYR B 45 -14.54 12.25 -16.99
CA TYR B 45 -14.41 11.30 -18.08
C TYR B 45 -14.95 11.86 -19.40
N LYS B 46 -16.00 12.68 -19.33
CA LYS B 46 -16.58 13.20 -20.57
C LYS B 46 -15.65 14.20 -21.23
N SER B 47 -14.80 14.88 -20.46
CA SER B 47 -13.99 15.97 -20.96
C SER B 47 -12.49 15.71 -20.94
N VAL B 48 -12.02 14.56 -20.43
CA VAL B 48 -10.58 14.44 -20.23
C VAL B 48 -9.84 14.42 -21.57
N GLU B 49 -10.48 13.91 -22.63
CA GLU B 49 -9.82 13.86 -23.93
C GLU B 49 -9.54 15.26 -24.48
N SER B 50 -10.35 16.24 -24.10
CA SER B 50 -10.12 17.61 -24.54
C SER B 50 -8.99 18.31 -23.78
N MET B 51 -8.48 17.73 -22.71
CA MET B 51 -7.36 18.34 -21.99
C MET B 51 -6.04 17.88 -22.58
N PRO B 52 -4.97 18.66 -22.42
CA PRO B 52 -3.64 18.13 -22.78
C PRO B 52 -3.28 17.01 -21.82
N VAL B 53 -2.76 15.89 -22.36
CA VAL B 53 -2.44 14.75 -21.49
C VAL B 53 -1.40 15.14 -20.45
N LEU B 54 -0.33 15.76 -20.91
CA LEU B 54 0.75 16.22 -20.04
C LEU B 54 0.51 17.70 -19.71
N PRO B 55 0.54 18.09 -18.45
CA PRO B 55 0.25 19.48 -18.11
C PRO B 55 1.43 20.40 -18.40
N ASN B 56 1.13 21.67 -18.58
CA ASN B 56 2.15 22.70 -18.82
C ASN B 56 2.38 23.51 -17.54
N VAL B 57 2.86 22.81 -16.52
CA VAL B 57 3.19 23.43 -15.24
C VAL B 57 4.66 23.17 -14.98
N LYS B 58 5.26 24.02 -14.18
CA LYS B 58 6.62 23.89 -13.69
C LYS B 58 6.62 23.43 -12.24
N PRO B 59 7.71 22.81 -11.78
CA PRO B 59 7.79 22.39 -10.36
C PRO B 59 7.57 23.57 -9.42
N GLY B 60 6.76 23.33 -8.39
CA GLY B 60 6.39 24.36 -7.46
C GLY B 60 5.15 25.16 -7.81
N TYR B 61 4.48 24.86 -8.94
CA TYR B 61 3.30 25.65 -9.33
C TYR B 61 2.23 25.67 -8.24
N LEU B 62 2.08 24.57 -7.49
CA LEU B 62 0.88 24.43 -6.65
C LEU B 62 0.92 25.36 -5.45
N GLN B 63 2.09 25.49 -4.82
CA GLN B 63 2.20 26.32 -3.63
C GLN B 63 2.01 27.81 -3.95
N ASP B 64 2.16 28.19 -5.22
CA ASP B 64 1.82 29.54 -5.68
C ASP B 64 0.32 29.74 -5.86
N GLU B 65 -0.48 28.67 -5.94
CA GLU B 65 -1.91 28.79 -6.16
C GLU B 65 -2.73 28.65 -4.89
N LEU B 66 -2.37 27.70 -4.03
CA LEU B 66 -3.13 27.38 -2.82
C LEU B 66 -2.46 28.00 -1.60
N ARG B 67 -3.22 28.09 -0.51
CA ARG B 67 -2.72 28.77 0.68
C ARG B 67 -1.58 27.96 1.32
N ALA B 68 -0.71 28.68 2.02
CA ALA B 68 0.48 28.05 2.60
C ALA B 68 0.19 27.32 3.91
N SER B 69 -0.89 27.67 4.61
CA SER B 69 -1.18 27.04 5.89
C SER B 69 -2.60 26.50 5.89
N PRO B 70 -2.86 25.47 6.69
CA PRO B 70 -4.22 24.92 6.74
C PRO B 70 -5.17 25.95 7.31
N PRO B 71 -6.40 26.03 6.80
CA PRO B 71 -7.34 27.04 7.30
C PRO B 71 -7.78 26.74 8.73
N THR B 72 -7.96 27.80 9.51
CA THR B 72 -8.50 27.63 10.86
C THR B 72 -9.96 27.21 10.84
N TYR B 73 -10.76 27.82 9.97
CA TYR B 73 -12.20 27.58 9.96
C TYR B 73 -12.59 26.66 8.82
N SER B 74 -13.79 26.10 8.92
CA SER B 74 -14.30 25.22 7.89
C SER B 74 -14.76 26.01 6.67
N ALA B 75 -14.86 25.31 5.55
CA ALA B 75 -15.36 25.89 4.31
C ALA B 75 -16.37 24.95 3.69
N PRO B 76 -17.32 25.47 2.92
CA PRO B 76 -18.23 24.58 2.18
C PRO B 76 -17.43 23.66 1.27
N PHE B 77 -17.92 22.42 1.12
CA PHE B 77 -17.25 21.48 0.23
C PHE B 77 -17.19 22.01 -1.20
N ASP B 78 -18.13 22.88 -1.59
CA ASP B 78 -18.06 23.49 -2.92
C ASP B 78 -16.76 24.25 -3.12
N VAL B 79 -16.23 24.85 -2.05
CA VAL B 79 -14.99 25.59 -2.16
C VAL B 79 -13.82 24.64 -2.38
N THR B 80 -13.81 23.53 -1.63
CA THR B 80 -12.82 22.49 -1.85
C THR B 80 -12.87 21.98 -3.29
N MET B 81 -14.07 21.66 -3.77
CA MET B 81 -14.20 21.16 -5.14
C MET B 81 -13.75 22.19 -6.18
N LYS B 82 -14.00 23.48 -5.92
CA LYS B 82 -13.56 24.53 -6.84
C LYS B 82 -12.05 24.61 -6.93
N GLU B 83 -11.35 24.36 -5.82
CA GLU B 83 -9.89 24.36 -5.84
C GLU B 83 -9.35 23.12 -6.52
N LEU B 84 -10.02 21.98 -6.34
CA LEU B 84 -9.68 20.81 -7.15
C LEU B 84 -9.77 21.13 -8.64
N ARG B 85 -10.87 21.73 -9.07
CA ARG B 85 -11.04 22.02 -10.49
C ARG B 85 -10.05 23.08 -10.97
N SER B 86 -9.78 24.09 -10.14
CA SER B 86 -8.99 25.25 -10.55
C SER B 86 -7.48 25.02 -10.45
N SER B 87 -7.01 24.29 -9.43
CA SER B 87 -5.59 24.22 -9.16
C SER B 87 -5.00 22.82 -9.23
N VAL B 88 -5.79 21.76 -9.01
CA VAL B 88 -5.27 20.39 -9.06
C VAL B 88 -5.36 19.81 -10.47
N VAL B 89 -6.57 19.73 -10.99
CA VAL B 89 -6.80 19.13 -12.31
C VAL B 89 -5.87 19.71 -13.38
N PRO B 90 -5.68 21.04 -13.47
CA PRO B 90 -4.78 21.55 -14.51
C PRO B 90 -3.34 21.12 -14.36
N GLY B 91 -2.94 20.65 -13.18
CA GLY B 91 -1.58 20.17 -12.98
C GLY B 91 -1.42 18.67 -13.05
N MET B 92 -2.45 17.92 -13.46
CA MET B 92 -2.36 16.48 -13.47
C MET B 92 -1.90 15.97 -14.83
N THR B 93 -1.23 14.82 -14.83
CA THR B 93 -1.07 14.02 -16.03
C THR B 93 -2.26 13.06 -16.14
N HIS B 94 -2.96 13.10 -17.27
CA HIS B 94 -4.25 12.40 -17.35
C HIS B 94 -4.03 10.97 -17.80
N TRP B 95 -3.74 10.11 -16.83
CA TRP B 95 -3.70 8.66 -17.06
C TRP B 95 -4.99 8.15 -17.68
N ALA B 96 -6.11 8.75 -17.33
CA ALA B 96 -7.41 8.33 -17.86
C ALA B 96 -7.63 8.79 -19.30
N SER B 97 -6.76 9.64 -19.84
CA SER B 97 -6.98 10.12 -21.20
C SER B 97 -6.90 8.96 -22.19
N PRO B 98 -7.75 8.97 -23.22
CA PRO B 98 -7.58 8.01 -24.30
C PRO B 98 -6.29 8.24 -25.07
N ASN B 99 -5.66 9.41 -24.95
CA ASN B 99 -4.39 9.68 -25.62
C ASN B 99 -3.18 9.46 -24.72
N PHE B 100 -3.38 8.83 -23.56
CA PHE B 100 -2.27 8.42 -22.72
C PHE B 100 -1.70 7.10 -23.25
N PHE B 101 -0.46 7.11 -23.74
CA PHE B 101 0.17 5.94 -24.35
C PHE B 101 1.46 5.52 -23.64
N ALA B 102 1.63 5.89 -22.38
CA ALA B 102 2.90 5.71 -21.69
C ALA B 102 2.85 4.57 -20.68
N PHE B 103 4.04 4.10 -20.29
CA PHE B 103 4.23 3.15 -19.18
C PHE B 103 3.36 1.93 -19.45
N PHE B 104 2.53 1.50 -18.52
CA PHE B 104 1.39 0.64 -18.80
C PHE B 104 0.14 1.36 -18.33
N PRO B 105 -0.96 1.31 -19.06
CA PRO B 105 -2.14 2.07 -18.63
C PRO B 105 -2.69 1.53 -17.32
N SER B 106 -3.29 2.41 -16.53
CA SER B 106 -3.98 2.02 -15.31
C SER B 106 -5.46 1.82 -15.67
N THR B 107 -5.77 0.64 -16.23
CA THR B 107 -7.13 0.40 -16.70
C THR B 107 -8.07 0.36 -15.50
N ASN B 108 -9.33 0.71 -15.73
CA ASN B 108 -10.27 1.01 -14.64
C ASN B 108 -11.68 0.67 -15.11
N SER B 109 -12.63 0.70 -14.17
CA SER B 109 -14.00 0.33 -14.50
C SER B 109 -14.92 0.90 -13.45
N ALA B 110 -16.18 1.12 -13.84
CA ALA B 110 -17.16 1.64 -12.90
C ALA B 110 -17.33 0.69 -11.71
N ALA B 111 -17.27 -0.62 -11.95
CA ALA B 111 -17.45 -1.57 -10.85
C ALA B 111 -16.30 -1.47 -9.84
N ALA B 112 -15.07 -1.30 -10.33
CA ALA B 112 -13.93 -1.19 -9.42
C ALA B 112 -13.99 0.08 -8.59
N ILE B 113 -14.34 1.20 -9.22
CA ILE B 113 -14.47 2.46 -8.49
C ILE B 113 -15.56 2.36 -7.44
N ALA B 114 -16.71 1.79 -7.81
CA ALA B 114 -17.79 1.58 -6.85
C ALA B 114 -17.33 0.72 -5.68
N GLY B 115 -16.64 -0.39 -5.97
CA GLY B 115 -16.16 -1.26 -4.90
C GLY B 115 -15.19 -0.56 -3.97
N ASP B 116 -14.28 0.25 -4.53
CA ASP B 116 -13.34 0.94 -3.65
C ASP B 116 -14.02 2.04 -2.85
N LEU B 117 -15.04 2.67 -3.41
CA LEU B 117 -15.82 3.66 -2.65
C LEU B 117 -16.54 3.00 -1.48
N ILE B 118 -17.12 1.82 -1.70
CA ILE B 118 -17.83 1.14 -0.61
C ILE B 118 -16.84 0.68 0.45
N ALA B 119 -15.68 0.21 0.01
CA ALA B 119 -14.65 -0.22 0.97
C ALA B 119 -14.20 0.96 1.85
N SER B 120 -14.03 2.15 1.25
CA SER B 120 -13.64 3.33 2.01
C SER B 120 -14.70 3.75 3.01
N ALA B 121 -15.99 3.56 2.67
CA ALA B 121 -17.05 3.96 3.59
C ALA B 121 -17.18 2.99 4.75
N MET B 122 -17.09 1.70 4.48
CA MET B 122 -17.11 0.72 5.57
C MET B 122 -15.84 0.81 6.39
N ASN B 123 -14.70 1.03 5.73
CA ASN B 123 -13.44 1.38 6.39
C ASN B 123 -13.04 0.35 7.45
N THR B 124 -13.10 -0.93 7.08
CA THR B 124 -12.71 -1.99 7.98
C THR B 124 -11.22 -2.31 7.84
N VAL B 125 -10.66 -2.89 8.88
CA VAL B 125 -9.24 -3.28 8.91
C VAL B 125 -9.18 -4.78 9.15
N GLY B 126 -8.71 -5.52 8.15
CA GLY B 126 -8.78 -6.96 8.22
C GLY B 126 -7.47 -7.62 8.62
N PHE B 127 -6.89 -7.21 9.75
CA PHE B 127 -5.63 -7.81 10.16
C PHE B 127 -5.80 -9.18 10.79
N THR B 128 -7.02 -9.60 11.07
CA THR B 128 -7.32 -11.00 11.35
C THR B 128 -8.64 -11.36 10.67
N TRP B 129 -8.90 -12.66 10.54
CA TRP B 129 -10.22 -13.09 10.07
C TRP B 129 -11.32 -12.52 10.95
N GLN B 130 -11.14 -12.57 12.28
CA GLN B 130 -12.18 -12.09 13.19
C GLN B 130 -12.38 -10.57 13.11
N ALA B 131 -11.32 -9.82 12.78
CA ALA B 131 -11.45 -8.37 12.63
C ALA B 131 -12.35 -7.96 11.48
N SER B 132 -12.71 -8.91 10.57
CA SER B 132 -13.82 -8.85 9.61
C SER B 132 -13.89 -10.10 8.73
N PRO B 133 -14.71 -11.09 9.10
CA PRO B 133 -14.70 -12.35 8.34
C PRO B 133 -14.97 -12.18 6.86
N ALA B 134 -15.95 -11.34 6.51
CA ALA B 134 -16.29 -11.15 5.10
C ALA B 134 -15.10 -10.63 4.31
N ALA B 135 -14.32 -9.72 4.90
CA ALA B 135 -13.21 -9.10 4.18
C ALA B 135 -12.14 -10.13 3.85
N THR B 136 -11.73 -10.94 4.83
CA THR B 136 -10.73 -11.97 4.59
C THR B 136 -11.23 -13.01 3.59
N GLU B 137 -12.47 -13.48 3.74
CA GLU B 137 -12.98 -14.49 2.82
C GLU B 137 -13.14 -13.95 1.40
N MET B 138 -13.58 -12.70 1.27
CA MET B 138 -13.71 -12.12 -0.06
C MET B 138 -12.35 -11.96 -0.74
N GLU B 139 -11.31 -11.56 0.01
CA GLU B 139 -9.99 -11.51 -0.60
C GLU B 139 -9.53 -12.90 -1.02
N VAL B 140 -9.71 -13.89 -0.15
CA VAL B 140 -9.40 -15.27 -0.51
C VAL B 140 -10.20 -15.71 -1.73
N LEU B 141 -11.49 -15.34 -1.77
CA LEU B 141 -12.36 -15.74 -2.88
C LEU B 141 -11.92 -15.08 -4.19
N ALA B 142 -11.69 -13.77 -4.15
CA ALA B 142 -11.22 -13.05 -5.32
C ALA B 142 -9.93 -13.66 -5.86
N LEU B 143 -9.00 -14.03 -4.95
CA LEU B 143 -7.76 -14.64 -5.39
C LEU B 143 -8.00 -16.01 -6.03
N ASP B 144 -8.87 -16.82 -5.43
CA ASP B 144 -9.14 -18.15 -5.97
C ASP B 144 -9.86 -18.06 -7.31
N TRP B 145 -10.77 -17.08 -7.46
CA TRP B 145 -11.42 -16.87 -8.76
C TRP B 145 -10.41 -16.52 -9.85
N LEU B 146 -9.56 -15.52 -9.59
CA LEU B 146 -8.56 -15.13 -10.58
C LEU B 146 -7.58 -16.28 -10.89
N ALA B 147 -7.22 -17.08 -9.87
CA ALA B 147 -6.34 -18.23 -10.11
C ALA B 147 -6.97 -19.19 -11.12
N GLN B 148 -8.27 -19.40 -11.04
CA GLN B 148 -8.94 -20.23 -12.04
C GLN B 148 -8.92 -19.58 -13.41
N MET B 149 -9.15 -18.26 -13.49
CA MET B 149 -9.05 -17.59 -14.78
C MET B 149 -7.66 -17.75 -15.38
N LEU B 150 -6.63 -17.70 -14.53
CA LEU B 150 -5.26 -17.88 -14.99
C LEU B 150 -4.90 -19.35 -15.20
N ASN B 151 -5.80 -20.26 -14.86
CA ASN B 151 -5.53 -21.69 -14.90
C ASN B 151 -4.28 -22.05 -14.11
N LEU B 152 -4.22 -21.55 -12.90
CA LEU B 152 -3.12 -21.95 -12.03
C LEU B 152 -3.39 -23.33 -11.45
N PRO B 153 -2.35 -24.14 -11.26
CA PRO B 153 -2.52 -25.40 -10.53
C PRO B 153 -3.14 -25.16 -9.16
N THR B 154 -3.82 -26.18 -8.66
CA THR B 154 -4.44 -26.12 -7.35
C THR B 154 -3.42 -26.01 -6.21
N SER B 155 -2.14 -26.22 -6.50
CA SER B 155 -1.07 -25.96 -5.53
C SER B 155 -0.91 -24.47 -5.22
N PHE B 156 -1.57 -23.59 -5.97
CA PHE B 156 -1.58 -22.15 -5.69
C PHE B 156 -2.89 -21.69 -5.08
N MET B 157 -3.85 -22.59 -4.85
CA MET B 157 -5.20 -22.20 -4.45
C MET B 157 -5.43 -22.50 -2.98
N ASN B 158 -6.25 -21.65 -2.35
CA ASN B 158 -6.64 -21.85 -0.96
C ASN B 158 -7.81 -22.84 -0.86
N ARG B 159 -8.95 -22.50 -1.46
CA ARG B 159 -10.09 -23.40 -1.56
C ARG B 159 -10.21 -23.91 -2.98
N THR B 160 -10.63 -25.17 -3.11
CA THR B 160 -11.04 -25.67 -4.40
C THR B 160 -12.56 -25.82 -4.41
N GLY B 161 -13.06 -26.51 -5.43
CA GLY B 161 -14.50 -26.68 -5.53
C GLY B 161 -15.11 -27.37 -4.32
N GLU B 162 -14.55 -28.51 -3.95
CA GLU B 162 -15.11 -29.31 -2.86
C GLU B 162 -14.24 -29.34 -1.61
N GLY B 163 -12.98 -28.90 -1.69
CA GLY B 163 -12.06 -28.97 -0.56
C GLY B 163 -11.06 -27.85 -0.52
N ARG B 164 -9.82 -28.16 -0.17
CA ARG B 164 -8.77 -27.16 -0.03
C ARG B 164 -7.67 -27.42 -1.05
N GLY B 165 -7.04 -26.33 -1.51
CA GLY B 165 -5.81 -26.45 -2.24
C GLY B 165 -4.65 -26.53 -1.25
N THR B 166 -3.45 -26.49 -1.79
CA THR B 166 -2.26 -26.50 -0.94
C THR B 166 -1.54 -25.16 -0.95
N GLY B 167 -2.06 -24.16 -1.66
CA GLY B 167 -1.38 -22.88 -1.67
C GLY B 167 -2.19 -21.75 -1.05
N GLY B 168 -1.89 -20.53 -1.49
CA GLY B 168 -2.53 -19.38 -0.91
C GLY B 168 -2.15 -18.13 -1.69
N GLY B 169 -2.84 -17.05 -1.35
CA GLY B 169 -2.60 -15.77 -2.00
C GLY B 169 -2.80 -14.65 -1.02
N VAL B 170 -2.34 -13.46 -1.43
CA VAL B 170 -2.61 -12.26 -0.67
C VAL B 170 -2.66 -11.11 -1.66
N ILE B 171 -3.51 -10.13 -1.38
CA ILE B 171 -3.67 -8.96 -2.21
C ILE B 171 -2.77 -7.88 -1.63
N LEU B 172 -1.69 -7.56 -2.34
CA LEU B 172 -0.70 -6.61 -1.88
C LEU B 172 -0.89 -5.27 -2.59
N GLY B 173 -0.06 -4.30 -2.20
CA GLY B 173 -0.11 -2.98 -2.81
C GLY B 173 0.66 -2.87 -4.11
N THR B 174 1.82 -3.52 -4.22
CA THR B 174 2.71 -3.36 -5.37
C THR B 174 3.38 -4.69 -5.71
N THR B 175 3.88 -4.77 -6.94
CA THR B 175 4.75 -5.87 -7.34
C THR B 175 6.04 -5.87 -6.53
N SER B 176 6.55 -4.67 -6.20
CA SER B 176 7.73 -4.55 -5.35
C SER B 176 7.50 -5.22 -4.00
N GLU B 177 6.32 -5.02 -3.40
CA GLU B 177 6.03 -5.69 -2.14
C GLU B 177 6.03 -7.21 -2.30
N ALA B 178 5.46 -7.70 -3.41
CA ALA B 178 5.44 -9.13 -3.67
C ALA B 178 6.85 -9.69 -3.81
N MET B 179 7.72 -8.98 -4.52
CA MET B 179 9.10 -9.42 -4.61
C MET B 179 9.77 -9.42 -3.24
N LEU B 180 9.57 -8.36 -2.45
CA LEU B 180 10.22 -8.28 -1.15
C LEU B 180 9.82 -9.46 -0.25
N VAL B 181 8.51 -9.74 -0.15
CA VAL B 181 8.13 -10.77 0.83
C VAL B 181 8.51 -12.15 0.34
N THR B 182 8.58 -12.36 -0.98
CA THR B 182 9.04 -13.67 -1.43
C THR B 182 10.56 -13.79 -1.31
N LEU B 183 11.29 -12.69 -1.54
CA LEU B 183 12.73 -12.68 -1.27
C LEU B 183 13.03 -13.02 0.18
N VAL B 184 12.25 -12.44 1.11
CA VAL B 184 12.49 -12.68 2.53
C VAL B 184 12.23 -14.14 2.88
N ALA B 185 11.15 -14.72 2.35
CA ALA B 185 10.86 -16.13 2.61
C ALA B 185 11.95 -17.04 2.04
N ALA B 186 12.45 -16.70 0.84
CA ALA B 186 13.52 -17.50 0.25
C ALA B 186 14.83 -17.33 1.00
N ARG B 187 15.13 -16.08 1.39
CA ARG B 187 16.34 -15.79 2.17
C ARG B 187 16.37 -16.63 3.44
N ASP B 188 15.28 -16.60 4.22
CA ASP B 188 15.24 -17.32 5.48
C ASP B 188 15.31 -18.84 5.26
N ALA B 189 14.66 -19.34 4.21
CA ALA B 189 14.74 -20.76 3.92
C ALA B 189 16.17 -21.17 3.56
N ALA B 190 16.86 -20.36 2.74
CA ALA B 190 18.25 -20.67 2.38
C ALA B 190 19.19 -20.57 3.58
N LEU B 191 18.95 -19.62 4.48
CA LEU B 191 19.80 -19.54 5.67
C LEU B 191 19.67 -20.79 6.54
N ARG B 192 18.48 -21.39 6.58
CA ARG B 192 18.33 -22.62 7.37
C ARG B 192 18.91 -23.81 6.62
N ARG B 193 18.62 -23.92 5.32
CA ARG B 193 19.27 -24.93 4.48
C ARG B 193 20.79 -24.92 4.63
N SER B 194 21.40 -23.74 4.77
CA SER B 194 22.85 -23.64 4.78
C SER B 194 23.42 -23.56 6.19
N GLY B 195 22.63 -23.89 7.21
CA GLY B 195 23.09 -23.89 8.58
C GLY B 195 23.61 -22.55 9.08
N SER B 196 23.08 -21.45 8.57
CA SER B 196 23.52 -20.15 9.05
C SER B 196 23.09 -19.92 10.49
N ASP B 197 23.98 -19.32 11.28
CA ASP B 197 23.68 -18.87 12.64
C ASP B 197 22.99 -17.52 12.54
N GLY B 198 21.66 -17.54 12.54
CA GLY B 198 20.92 -16.30 12.33
C GLY B 198 21.21 -15.78 10.94
N VAL B 199 21.63 -14.53 10.85
CA VAL B 199 21.99 -13.94 9.56
C VAL B 199 23.51 -13.98 9.32
N ALA B 200 24.25 -14.79 10.10
CA ALA B 200 25.70 -14.82 9.95
C ALA B 200 26.11 -15.25 8.54
N GLY B 201 25.36 -16.15 7.91
CA GLY B 201 25.64 -16.60 6.57
C GLY B 201 24.93 -15.84 5.46
N LEU B 202 24.32 -14.69 5.77
CA LEU B 202 23.60 -13.93 4.74
C LEU B 202 24.51 -13.55 3.58
N HIS B 203 25.78 -13.25 3.86
CA HIS B 203 26.71 -12.83 2.82
C HIS B 203 27.06 -13.93 1.82
N ARG B 204 26.64 -15.17 2.05
CA ARG B 204 26.83 -16.23 1.08
C ARG B 204 25.67 -16.39 0.09
N LEU B 205 24.53 -15.74 0.31
CA LEU B 205 23.34 -15.97 -0.53
C LEU B 205 23.40 -15.15 -1.82
N ALA B 206 23.14 -15.80 -2.95
CA ALA B 206 23.10 -15.13 -4.25
C ALA B 206 21.70 -15.15 -4.83
N VAL B 207 21.40 -14.14 -5.66
CA VAL B 207 20.08 -13.97 -6.28
C VAL B 207 20.28 -13.56 -7.74
N TYR B 208 19.30 -13.90 -8.58
CA TYR B 208 19.46 -13.82 -10.03
C TYR B 208 18.21 -13.28 -10.73
N ALA B 209 18.42 -12.47 -11.76
CA ALA B 209 17.35 -12.06 -12.66
C ALA B 209 17.95 -11.50 -13.94
N ALA B 210 17.20 -11.57 -15.04
CA ALA B 210 17.65 -10.97 -16.29
C ALA B 210 17.82 -9.46 -16.13
N ASP B 211 18.68 -8.87 -16.97
CA ASP B 211 18.89 -7.43 -16.86
C ASP B 211 17.67 -6.62 -17.32
N GLN B 212 16.66 -7.26 -17.89
CA GLN B 212 15.40 -6.62 -18.24
C GLN B 212 14.36 -6.70 -17.12
N THR B 213 14.65 -7.42 -16.05
CA THR B 213 13.78 -7.40 -14.89
C THR B 213 13.79 -6.00 -14.30
N HIS B 214 12.62 -5.56 -13.79
CA HIS B 214 12.49 -4.20 -13.29
C HIS B 214 13.55 -3.89 -12.25
N SER B 215 14.09 -2.66 -12.28
CA SER B 215 15.07 -2.25 -11.28
C SER B 215 14.52 -2.32 -9.87
N THR B 216 13.19 -2.26 -9.69
CA THR B 216 12.67 -2.39 -8.35
C THR B 216 12.94 -3.78 -7.77
N PHE B 217 13.17 -4.79 -8.61
CA PHE B 217 13.53 -6.09 -8.05
C PHE B 217 14.92 -6.08 -7.41
N PHE B 218 15.89 -5.45 -8.05
CA PHE B 218 17.22 -5.41 -7.45
C PHE B 218 17.24 -4.53 -6.21
N LYS B 219 16.42 -3.47 -6.19
CA LYS B 219 16.22 -2.71 -4.97
C LYS B 219 15.64 -3.59 -3.87
N ALA B 220 14.63 -4.39 -4.18
CA ALA B 220 14.03 -5.26 -3.16
C ALA B 220 15.06 -6.23 -2.60
N CYS B 221 15.95 -6.73 -3.45
CA CYS B 221 17.04 -7.61 -3.00
C CYS B 221 17.92 -6.92 -1.97
N ARG B 222 18.26 -5.64 -2.21
CA ARG B 222 19.07 -4.90 -1.24
C ARG B 222 18.27 -4.64 0.04
N LEU B 223 16.98 -4.37 -0.09
CA LEU B 223 16.15 -4.16 1.09
C LEU B 223 16.14 -5.37 1.98
N ALA B 224 16.09 -6.57 1.39
CA ALA B 224 16.06 -7.80 2.18
C ALA B 224 17.43 -8.16 2.78
N GLY B 225 18.48 -7.40 2.47
CA GLY B 225 19.79 -7.62 3.06
C GLY B 225 20.75 -8.47 2.25
N PHE B 226 20.41 -8.81 1.02
CA PHE B 226 21.35 -9.50 0.15
C PHE B 226 22.53 -8.59 -0.16
N ASP B 227 23.71 -9.21 -0.27
CA ASP B 227 24.94 -8.48 -0.55
C ASP B 227 24.94 -7.97 -1.98
N PRO B 228 25.21 -6.67 -2.20
CA PRO B 228 25.32 -6.17 -3.58
C PRO B 228 26.23 -7.00 -4.47
N ALA B 229 27.32 -7.54 -3.93
CA ALA B 229 28.23 -8.37 -4.70
C ALA B 229 27.59 -9.67 -5.18
N ASN B 230 26.48 -10.09 -4.57
CA ASN B 230 25.85 -11.37 -4.89
C ASN B 230 24.51 -11.20 -5.61
N ILE B 231 24.18 -9.99 -6.04
CA ILE B 231 22.94 -9.71 -6.76
C ILE B 231 23.27 -9.69 -8.24
N ARG B 232 22.83 -10.71 -8.96
CA ARG B 232 23.23 -10.96 -10.34
C ARG B 232 22.19 -10.44 -11.31
N SER B 233 22.61 -9.55 -12.20
CA SER B 233 21.80 -9.10 -13.33
C SER B 233 22.33 -9.77 -14.60
N ILE B 234 21.59 -10.75 -15.11
CA ILE B 234 22.07 -11.58 -16.23
C ILE B 234 21.87 -10.87 -17.57
N PRO B 235 22.94 -10.65 -18.33
CA PRO B 235 22.80 -9.97 -19.64
C PRO B 235 21.88 -10.73 -20.59
N THR B 236 21.12 -9.96 -21.38
CA THR B 236 20.27 -10.48 -22.44
C THR B 236 20.62 -9.75 -23.74
N GLY B 237 20.30 -10.40 -24.87
CA GLY B 237 20.58 -9.82 -26.17
C GLY B 237 19.44 -10.09 -27.14
N ALA B 238 19.58 -9.49 -28.32
CA ALA B 238 18.55 -9.61 -29.35
C ALA B 238 18.35 -11.04 -29.81
N GLU B 239 19.33 -11.93 -29.59
CA GLU B 239 19.20 -13.30 -30.10
C GLU B 239 18.08 -14.06 -29.39
N THR B 240 17.72 -13.67 -28.17
CA THR B 240 16.57 -14.25 -27.47
C THR B 240 15.43 -13.24 -27.33
N ASP B 241 15.40 -12.21 -28.18
CA ASP B 241 14.47 -11.10 -28.05
C ASP B 241 14.46 -10.55 -26.61
N TYR B 242 15.66 -10.49 -26.02
CA TYR B 242 15.90 -9.96 -24.69
C TYR B 242 15.22 -10.77 -23.59
N GLY B 243 14.76 -11.99 -23.90
CA GLY B 243 14.36 -12.92 -22.87
C GLY B 243 15.58 -13.56 -22.21
N LEU B 244 15.41 -14.03 -20.97
CA LEU B 244 16.53 -14.64 -20.25
C LEU B 244 16.94 -15.95 -20.91
N ASP B 245 18.25 -16.11 -21.15
CA ASP B 245 18.82 -17.34 -21.67
C ASP B 245 19.08 -18.30 -20.52
N PRO B 246 18.35 -19.41 -20.43
CA PRO B 246 18.51 -20.31 -19.28
C PRO B 246 19.91 -20.91 -19.20
N ALA B 247 20.60 -21.03 -20.33
CA ALA B 247 21.98 -21.49 -20.31
C ALA B 247 22.87 -20.46 -19.62
N ARG B 248 22.63 -19.17 -19.88
CA ARG B 248 23.34 -18.12 -19.16
C ARG B 248 23.02 -18.15 -17.68
N LEU B 249 21.77 -18.43 -17.32
CA LEU B 249 21.41 -18.51 -15.91
C LEU B 249 22.14 -19.66 -15.23
N LEU B 250 22.12 -20.84 -15.87
CA LEU B 250 22.81 -22.00 -15.32
C LEU B 250 24.29 -21.71 -15.12
N GLU B 251 24.93 -21.10 -16.11
CA GLU B 251 26.35 -20.80 -15.99
C GLU B 251 26.60 -19.92 -14.77
N ALA B 252 25.75 -18.91 -14.57
CA ALA B 252 25.96 -17.99 -13.46
C ALA B 252 25.74 -18.68 -12.12
N MET B 253 24.69 -19.51 -12.01
CA MET B 253 24.38 -20.14 -10.72
C MET B 253 25.39 -21.22 -10.39
N GLN B 254 25.81 -22.01 -11.38
CA GLN B 254 26.81 -23.05 -11.14
C GLN B 254 28.11 -22.44 -10.67
N ALA B 255 28.51 -21.33 -11.30
CA ALA B 255 29.73 -20.63 -10.89
C ALA B 255 29.66 -20.24 -9.42
N ASP B 256 28.53 -19.68 -8.98
CA ASP B 256 28.40 -19.27 -7.59
C ASP B 256 28.42 -20.49 -6.66
N ALA B 257 27.76 -21.57 -7.04
CA ALA B 257 27.76 -22.77 -6.20
C ALA B 257 29.17 -23.33 -6.08
N ASP B 258 29.94 -23.31 -7.18
CA ASP B 258 31.32 -23.80 -7.13
C ASP B 258 32.21 -22.91 -6.27
N ALA B 259 31.86 -21.64 -6.10
CA ALA B 259 32.62 -20.73 -5.27
C ALA B 259 32.19 -20.74 -3.81
N GLY B 260 31.24 -21.61 -3.44
CA GLY B 260 30.78 -21.65 -2.07
C GLY B 260 29.61 -20.75 -1.74
N LEU B 261 29.08 -20.01 -2.70
CA LEU B 261 27.87 -19.22 -2.49
C LEU B 261 26.62 -20.12 -2.59
N VAL B 262 25.50 -19.62 -2.05
CA VAL B 262 24.26 -20.39 -2.03
C VAL B 262 23.24 -19.75 -2.98
N PRO B 263 23.05 -20.28 -4.18
CA PRO B 263 21.99 -19.74 -5.06
C PRO B 263 20.63 -19.86 -4.40
N THR B 264 19.96 -18.72 -4.21
CA THR B 264 18.80 -18.60 -3.32
C THR B 264 17.49 -18.26 -4.02
N TYR B 265 17.51 -17.45 -5.07
CA TYR B 265 16.25 -16.94 -5.62
C TYR B 265 16.49 -16.47 -7.04
N VAL B 266 15.54 -16.78 -7.93
CA VAL B 266 15.55 -16.35 -9.32
C VAL B 266 14.22 -15.68 -9.63
N CYS B 267 14.27 -14.50 -10.24
CA CYS B 267 13.06 -13.84 -10.72
C CYS B 267 12.98 -14.00 -12.22
N ALA B 268 11.89 -14.55 -12.70
CA ALA B 268 11.58 -14.65 -14.12
C ALA B 268 10.43 -13.71 -14.43
N THR B 269 10.58 -12.88 -15.45
CA THR B 269 9.55 -11.91 -15.80
C THR B 269 8.84 -12.34 -17.08
N VAL B 270 7.52 -12.31 -17.05
CA VAL B 270 6.68 -12.49 -18.24
C VAL B 270 6.10 -11.12 -18.57
N GLY B 271 6.63 -10.50 -19.63
CA GLY B 271 6.24 -9.15 -20.04
C GLY B 271 7.06 -8.06 -19.36
N THR B 272 8.34 -7.94 -19.72
CA THR B 272 9.18 -6.95 -19.07
C THR B 272 8.68 -5.54 -19.39
N THR B 273 9.04 -4.60 -18.51
CA THR B 273 8.53 -3.23 -18.62
C THR B 273 9.01 -2.56 -19.88
N SER B 274 10.31 -2.67 -20.17
CA SER B 274 10.88 -1.90 -21.28
C SER B 274 10.30 -2.34 -22.61
N SER B 275 10.40 -3.63 -22.94
CA SER B 275 10.04 -4.10 -24.28
C SER B 275 9.13 -5.32 -24.27
N ASN B 276 8.59 -5.72 -23.11
CA ASN B 276 7.66 -6.84 -23.03
C ASN B 276 8.34 -8.15 -23.48
N ALA B 277 9.60 -8.32 -23.10
CA ALA B 277 10.25 -9.61 -23.25
C ALA B 277 9.59 -10.64 -22.34
N VAL B 278 9.77 -11.91 -22.67
CA VAL B 278 9.20 -13.01 -21.90
C VAL B 278 10.32 -13.98 -21.54
N ASP B 279 10.53 -14.21 -20.25
CA ASP B 279 11.49 -15.22 -19.82
C ASP B 279 10.84 -16.61 -19.91
N PRO B 280 11.62 -17.65 -20.24
CA PRO B 280 11.04 -18.99 -20.39
C PRO B 280 10.83 -19.66 -19.04
N VAL B 281 9.58 -19.63 -18.55
CA VAL B 281 9.32 -19.97 -17.15
C VAL B 281 9.76 -21.39 -16.83
N GLY B 282 9.29 -22.36 -17.61
CA GLY B 282 9.59 -23.75 -17.30
C GLY B 282 11.09 -24.05 -17.36
N ALA B 283 11.78 -23.45 -18.32
CA ALA B 283 13.23 -23.65 -18.42
C ALA B 283 13.96 -23.03 -17.25
N VAL B 284 13.49 -21.87 -16.78
CA VAL B 284 14.11 -21.24 -15.61
C VAL B 284 13.85 -22.07 -14.35
N ALA B 285 12.65 -22.65 -14.25
CA ALA B 285 12.34 -23.45 -13.06
C ALA B 285 13.21 -24.69 -12.99
N ASP B 286 13.52 -25.28 -14.15
CA ASP B 286 14.35 -26.49 -14.17
C ASP B 286 15.79 -26.18 -13.81
N VAL B 287 16.36 -25.11 -14.37
CA VAL B 287 17.71 -24.71 -13.99
C VAL B 287 17.78 -24.42 -12.50
N ALA B 288 16.80 -23.70 -11.96
CA ALA B 288 16.84 -23.33 -10.56
C ALA B 288 16.65 -24.54 -9.65
N ALA B 289 15.93 -25.56 -10.12
CA ALA B 289 15.68 -26.73 -9.28
C ALA B 289 16.97 -27.47 -8.93
N ARG B 290 17.97 -27.41 -9.80
CA ARG B 290 19.25 -28.06 -9.53
C ARG B 290 19.94 -27.49 -8.30
N PHE B 291 19.52 -26.31 -7.83
CA PHE B 291 20.11 -25.67 -6.66
C PHE B 291 19.12 -25.44 -5.53
N ALA B 292 17.86 -25.90 -5.69
CA ALA B 292 16.80 -25.67 -4.72
C ALA B 292 16.50 -24.18 -4.51
N ALA B 293 16.76 -23.36 -5.53
CA ALA B 293 16.49 -21.94 -5.43
C ALA B 293 15.01 -21.64 -5.61
N TRP B 294 14.50 -20.67 -4.84
CA TRP B 294 13.13 -20.17 -5.03
C TRP B 294 12.98 -19.53 -6.40
N VAL B 295 11.87 -19.81 -7.08
CA VAL B 295 11.57 -19.18 -8.36
C VAL B 295 10.28 -18.37 -8.21
N HIS B 296 10.36 -17.08 -8.54
CA HIS B 296 9.21 -16.19 -8.55
C HIS B 296 8.99 -15.71 -9.97
N VAL B 297 7.76 -15.80 -10.45
CA VAL B 297 7.39 -15.25 -11.74
C VAL B 297 6.75 -13.89 -11.51
N ASP B 298 7.34 -12.84 -12.09
CA ASP B 298 6.76 -11.49 -12.08
C ASP B 298 6.02 -11.32 -13.40
N ALA B 299 4.69 -11.27 -13.32
CA ALA B 299 3.84 -11.03 -14.48
C ALA B 299 2.94 -9.81 -14.24
N ALA B 300 3.51 -8.75 -13.66
CA ALA B 300 2.73 -7.58 -13.22
C ALA B 300 1.75 -7.11 -14.29
N TYR B 301 2.24 -6.88 -15.51
CA TYR B 301 1.40 -6.40 -16.60
C TYR B 301 0.79 -7.55 -17.40
N ALA B 302 1.66 -8.39 -17.98
CA ALA B 302 1.21 -9.42 -18.91
C ALA B 302 0.39 -10.52 -18.25
N GLY B 303 0.41 -10.63 -16.92
CA GLY B 303 -0.34 -11.68 -16.26
C GLY B 303 -1.82 -11.66 -16.61
N SER B 304 -2.41 -10.46 -16.75
CA SER B 304 -3.82 -10.33 -17.07
C SER B 304 -4.18 -10.94 -18.41
N ALA B 305 -3.26 -10.89 -19.38
CA ALA B 305 -3.53 -11.48 -20.68
C ALA B 305 -3.63 -13.00 -20.63
N CYS B 306 -2.99 -13.62 -19.65
CA CYS B 306 -2.96 -15.07 -19.51
C CYS B 306 -4.30 -15.66 -19.06
N ILE B 307 -5.35 -14.85 -18.90
CA ILE B 307 -6.70 -15.39 -18.73
C ILE B 307 -7.30 -15.84 -20.06
N CYS B 308 -6.63 -15.56 -21.17
CA CYS B 308 -6.94 -15.98 -22.51
C CYS B 308 -6.08 -17.18 -22.90
N PRO B 309 -6.70 -18.20 -23.51
CA PRO B 309 -5.92 -19.42 -23.85
C PRO B 309 -4.79 -19.16 -24.83
N GLU B 310 -4.94 -18.22 -25.75
CA GLU B 310 -3.86 -17.96 -26.69
C GLU B 310 -2.66 -17.27 -26.04
N PHE B 311 -2.75 -16.87 -24.77
CA PHE B 311 -1.61 -16.31 -24.04
C PHE B 311 -1.14 -17.20 -22.88
N ARG B 312 -1.95 -18.17 -22.45
CA ARG B 312 -1.64 -18.92 -21.25
C ARG B 312 -0.36 -19.76 -21.41
N HIS B 313 0.09 -20.01 -22.64
CA HIS B 313 1.33 -20.77 -22.80
C HIS B 313 2.53 -20.06 -22.18
N HIS B 314 2.48 -18.72 -22.08
CA HIS B 314 3.55 -17.97 -21.45
C HIS B 314 3.78 -18.38 -20.00
N LEU B 315 2.77 -18.98 -19.35
CA LEU B 315 2.88 -19.41 -17.98
C LEU B 315 3.14 -20.91 -17.84
N ASP B 316 3.39 -21.61 -18.95
CA ASP B 316 3.73 -23.03 -18.87
C ASP B 316 4.99 -23.23 -18.03
N GLY B 317 4.93 -24.18 -17.10
CA GLY B 317 5.97 -24.36 -16.12
C GLY B 317 5.68 -23.75 -14.77
N VAL B 318 4.61 -22.95 -14.66
CA VAL B 318 4.28 -22.30 -13.38
C VAL B 318 4.02 -23.33 -12.29
N GLU B 319 3.62 -24.55 -12.66
CA GLU B 319 3.40 -25.57 -11.62
C GLU B 319 4.69 -25.93 -10.89
N ARG B 320 5.85 -25.56 -11.43
CA ARG B 320 7.13 -25.88 -10.82
C ARG B 320 7.81 -24.68 -10.14
N VAL B 321 7.21 -23.48 -10.22
CA VAL B 321 7.79 -22.32 -9.55
C VAL B 321 7.20 -22.17 -8.16
N ASP B 322 7.76 -21.27 -7.37
CA ASP B 322 7.35 -21.11 -5.98
C ASP B 322 6.33 -20.00 -5.78
N SER B 323 6.32 -18.99 -6.62
CA SER B 323 5.39 -17.89 -6.41
C SER B 323 5.19 -17.17 -7.74
N ILE B 324 4.08 -16.46 -7.84
CA ILE B 324 3.78 -15.69 -9.04
C ILE B 324 2.93 -14.50 -8.63
N SER B 325 3.20 -13.35 -9.24
CA SER B 325 2.43 -12.15 -8.97
C SER B 325 2.01 -11.53 -10.28
N MET B 326 0.88 -10.83 -10.23
CA MET B 326 0.42 -9.99 -11.33
C MET B 326 -0.44 -8.90 -10.73
N SER B 327 -0.62 -7.81 -11.48
CA SER B 327 -1.32 -6.63 -10.94
C SER B 327 -2.59 -6.35 -11.73
N PRO B 328 -3.77 -6.68 -11.19
CA PRO B 328 -5.01 -6.23 -11.83
C PRO B 328 -5.09 -4.72 -12.04
N HIS B 329 -4.37 -3.93 -11.22
CA HIS B 329 -4.43 -2.48 -11.37
C HIS B 329 -3.61 -1.99 -12.56
N LYS B 330 -2.95 -2.88 -13.28
CA LYS B 330 -2.49 -2.51 -14.60
C LYS B 330 -3.56 -2.88 -15.61
N TRP B 331 -3.66 -4.14 -15.99
CA TRP B 331 -4.43 -4.51 -17.18
C TRP B 331 -5.70 -5.30 -16.87
N LEU B 332 -6.24 -5.23 -15.65
CA LEU B 332 -7.50 -5.93 -15.39
C LEU B 332 -8.54 -5.02 -14.72
N MET B 333 -8.58 -3.74 -15.12
CA MET B 333 -9.72 -2.84 -14.91
C MET B 333 -10.04 -2.61 -13.44
N THR B 334 -9.04 -2.65 -12.58
CA THR B 334 -9.22 -2.47 -11.15
C THR B 334 -8.31 -1.32 -10.73
N CYS B 335 -8.87 -0.28 -10.14
CA CYS B 335 -8.06 0.87 -9.79
C CYS B 335 -7.03 0.50 -8.72
N LEU B 336 -5.91 1.24 -8.67
CA LEU B 336 -4.89 1.00 -7.64
C LEU B 336 -5.52 1.08 -6.24
N ASP B 337 -5.00 0.31 -5.29
CA ASP B 337 -3.90 -0.67 -5.41
C ASP B 337 -4.46 -2.08 -5.48
N CYS B 338 -3.88 -2.92 -6.34
CA CYS B 338 -4.31 -4.32 -6.41
C CYS B 338 -3.23 -5.13 -7.12
N THR B 339 -2.38 -5.78 -6.33
CA THR B 339 -1.38 -6.71 -6.82
C THR B 339 -1.63 -8.05 -6.13
N CYS B 340 -1.78 -9.10 -6.92
CA CYS B 340 -2.09 -10.42 -6.37
C CYS B 340 -0.82 -11.26 -6.35
N LEU B 341 -0.50 -11.81 -5.19
CA LEU B 341 0.63 -12.71 -5.02
C LEU B 341 0.12 -14.12 -4.71
N TYR B 342 0.57 -15.11 -5.47
CA TYR B 342 0.25 -16.52 -5.24
C TYR B 342 1.51 -17.28 -4.84
N VAL B 343 1.39 -18.13 -3.82
CA VAL B 343 2.52 -18.93 -3.33
C VAL B 343 2.13 -20.40 -3.34
N ARG B 344 2.98 -21.23 -3.91
CA ARG B 344 2.74 -22.66 -4.01
C ARG B 344 3.09 -23.36 -2.71
N ASP B 345 2.22 -24.29 -2.29
CA ASP B 345 2.51 -25.23 -1.20
C ASP B 345 2.96 -24.49 0.05
N THR B 346 2.02 -23.74 0.64
CA THR B 346 2.39 -22.80 1.68
C THR B 346 2.68 -23.47 3.03
N HIS B 347 2.51 -24.79 3.15
CA HIS B 347 2.91 -25.47 4.38
C HIS B 347 4.41 -25.28 4.66
N ARG B 348 5.24 -25.19 3.63
CA ARG B 348 6.67 -24.97 3.78
C ARG B 348 7.04 -23.63 4.40
N LEU B 349 6.09 -22.72 4.63
CA LEU B 349 6.43 -21.42 5.20
C LEU B 349 6.75 -21.52 6.69
N GLU B 369 -9.05 -20.83 9.60
CA GLU B 369 -9.50 -21.82 8.62
C GLU B 369 -9.44 -21.29 7.21
N VAL B 370 -10.00 -20.10 6.99
CA VAL B 370 -10.02 -19.45 5.67
C VAL B 370 -9.34 -18.10 5.85
N THR B 371 -8.07 -18.02 5.45
CA THR B 371 -7.30 -16.79 5.61
C THR B 371 -6.34 -16.63 4.43
N ASP B 372 -6.12 -15.38 4.04
CA ASP B 372 -5.03 -15.05 3.13
C ASP B 372 -3.70 -15.12 3.89
N LEU B 373 -2.60 -15.03 3.13
CA LEU B 373 -1.25 -15.08 3.71
C LEU B 373 -0.92 -13.72 4.31
N LYS B 374 -1.62 -13.39 5.39
CA LYS B 374 -1.50 -12.07 6.00
C LYS B 374 -0.09 -11.78 6.52
N ASP B 375 0.73 -12.82 6.79
CA ASP B 375 2.10 -12.56 7.22
C ASP B 375 3.02 -12.22 6.05
N MET B 376 2.59 -12.48 4.82
CA MET B 376 3.41 -12.16 3.66
C MET B 376 3.00 -10.83 3.04
N GLN B 377 2.91 -9.83 3.91
CA GLN B 377 2.79 -8.43 3.49
C GLN B 377 3.62 -7.61 4.47
N VAL B 378 4.05 -6.42 4.04
CA VAL B 378 4.88 -5.60 4.92
C VAL B 378 4.10 -5.19 6.17
N GLY B 379 2.91 -4.60 5.99
CA GLY B 379 2.13 -4.10 7.09
C GLY B 379 1.13 -5.12 7.62
N VAL B 380 0.36 -4.69 8.63
CA VAL B 380 -0.70 -5.51 9.20
C VAL B 380 -2.09 -4.95 8.88
N GLY B 381 -2.31 -3.66 9.13
CA GLY B 381 -3.61 -3.08 8.91
C GLY B 381 -3.73 -2.23 7.66
N ARG B 382 -4.42 -2.74 6.65
CA ARG B 382 -4.62 -2.01 5.40
C ARG B 382 -6.05 -2.24 4.90
N ARG B 383 -6.36 -1.63 3.75
CA ARG B 383 -7.72 -1.57 3.22
C ARG B 383 -8.25 -2.94 2.84
N PHE B 384 -9.57 -2.99 2.66
CA PHE B 384 -10.32 -4.10 2.08
C PHE B 384 -10.23 -4.03 0.55
N ARG B 385 -9.05 -4.39 0.03
CA ARG B 385 -8.77 -4.36 -1.40
C ARG B 385 -9.53 -5.40 -2.21
N GLY B 386 -10.01 -6.49 -1.58
CA GLY B 386 -10.63 -7.56 -2.34
C GLY B 386 -12.00 -7.23 -2.89
N LEU B 387 -12.71 -6.26 -2.31
CA LEU B 387 -14.09 -5.99 -2.71
C LEU B 387 -14.16 -5.53 -4.16
N LYS B 388 -13.29 -4.60 -4.55
CA LYS B 388 -13.35 -4.08 -5.90
C LYS B 388 -12.97 -5.16 -6.92
N LEU B 389 -12.02 -6.04 -6.58
CA LEU B 389 -11.64 -7.10 -7.51
C LEU B 389 -12.80 -8.07 -7.74
N TRP B 390 -13.49 -8.46 -6.66
CA TRP B 390 -14.65 -9.33 -6.80
C TRP B 390 -15.75 -8.63 -7.62
N MET B 391 -15.99 -7.35 -7.36
CA MET B 391 -17.05 -6.65 -8.09
C MET B 391 -16.75 -6.61 -9.58
N VAL B 392 -15.48 -6.47 -9.96
CA VAL B 392 -15.11 -6.48 -11.37
C VAL B 392 -15.46 -7.84 -11.99
N MET B 393 -15.03 -8.92 -11.36
CA MET B 393 -15.29 -10.25 -11.90
C MET B 393 -16.78 -10.59 -11.86
N ARG B 394 -17.48 -10.21 -10.78
CA ARG B 394 -18.89 -10.60 -10.64
C ARG B 394 -19.79 -9.80 -11.57
N THR B 395 -19.47 -8.52 -11.80
CA THR B 395 -20.32 -7.68 -12.64
C THR B 395 -20.10 -7.96 -14.12
N TYR B 396 -18.85 -8.10 -14.55
CA TYR B 396 -18.55 -8.21 -15.98
C TYR B 396 -18.38 -9.64 -16.48
N GLY B 397 -17.83 -10.53 -15.65
CA GLY B 397 -17.66 -11.93 -16.02
C GLY B 397 -16.40 -12.20 -16.83
N VAL B 398 -16.08 -13.49 -16.93
CA VAL B 398 -14.81 -13.90 -17.54
C VAL B 398 -14.78 -13.54 -19.01
N ALA B 399 -15.90 -13.74 -19.71
CA ALA B 399 -15.90 -13.52 -21.15
C ALA B 399 -15.63 -12.07 -21.51
N LYS B 400 -16.23 -11.13 -20.78
CA LYS B 400 -15.94 -9.72 -21.08
C LYS B 400 -14.51 -9.35 -20.70
N LEU B 401 -13.97 -9.95 -19.63
CA LEU B 401 -12.58 -9.66 -19.27
C LEU B 401 -11.64 -10.15 -20.35
N GLN B 402 -11.92 -11.33 -20.92
CA GLN B 402 -11.09 -11.85 -22.00
C GLN B 402 -11.18 -10.97 -23.24
N GLU B 403 -12.38 -10.51 -23.59
CA GLU B 403 -12.52 -9.62 -24.74
C GLU B 403 -11.84 -8.27 -24.48
N HIS B 404 -11.83 -7.82 -23.23
CA HIS B 404 -11.06 -6.63 -22.85
C HIS B 404 -9.58 -6.80 -23.22
N ILE B 405 -9.00 -7.94 -22.85
CA ILE B 405 -7.61 -8.21 -23.24
C ILE B 405 -7.49 -8.27 -24.75
N ARG B 406 -8.35 -9.06 -25.41
CA ARG B 406 -8.19 -9.28 -26.83
C ARG B 406 -8.36 -8.00 -27.64
N SER B 407 -9.27 -7.12 -27.24
CA SER B 407 -9.46 -5.92 -28.05
C SER B 407 -8.33 -4.92 -27.86
N ASP B 408 -7.67 -4.90 -26.70
CA ASP B 408 -6.44 -4.10 -26.56
C ASP B 408 -5.33 -4.65 -27.46
N VAL B 409 -5.13 -5.96 -27.45
CA VAL B 409 -4.11 -6.57 -28.29
C VAL B 409 -4.39 -6.28 -29.77
N ALA B 410 -5.67 -6.37 -30.17
CA ALA B 410 -6.03 -6.10 -31.56
C ALA B 410 -5.71 -4.66 -31.96
N MET B 411 -5.97 -3.70 -31.07
CA MET B 411 -5.57 -2.32 -31.33
C MET B 411 -4.05 -2.19 -31.43
N ALA B 412 -3.32 -2.90 -30.57
CA ALA B 412 -1.86 -2.85 -30.63
C ALA B 412 -1.35 -3.45 -31.94
N LYS B 413 -2.01 -4.49 -32.42
CA LYS B 413 -1.64 -5.08 -33.71
C LYS B 413 -1.89 -4.11 -34.86
N VAL B 414 -3.01 -3.37 -34.81
CA VAL B 414 -3.28 -2.35 -35.81
C VAL B 414 -2.15 -1.33 -35.85
N PHE B 415 -1.74 -0.84 -34.68
CA PHE B 415 -0.65 0.11 -34.62
C PHE B 415 0.64 -0.49 -35.18
N GLU B 416 0.94 -1.72 -34.78
CA GLU B 416 2.19 -2.36 -35.22
C GLU B 416 2.22 -2.53 -36.74
N ASP B 417 1.09 -2.89 -37.33
CA ASP B 417 1.05 -3.03 -38.78
C ASP B 417 1.18 -1.67 -39.46
N LEU B 418 0.60 -0.62 -38.88
CA LEU B 418 0.77 0.72 -39.44
C LEU B 418 2.25 1.14 -39.42
N VAL B 419 2.96 0.88 -38.32
CA VAL B 419 4.39 1.20 -38.26
C VAL B 419 5.17 0.39 -39.30
N ARG B 420 4.89 -0.90 -39.38
CA ARG B 420 5.59 -1.77 -40.33
C ARG B 420 5.36 -1.37 -41.78
N GLY B 421 4.28 -0.64 -42.07
CA GLY B 421 3.97 -0.16 -43.39
C GLY B 421 4.66 1.12 -43.80
N ASP B 422 5.47 1.72 -42.92
CA ASP B 422 6.12 3.00 -43.21
C ASP B 422 7.63 2.82 -43.10
N ASP B 423 8.32 2.98 -44.23
CA ASP B 423 9.74 2.67 -44.33
C ASP B 423 10.63 3.51 -43.41
N ARG B 424 10.16 4.68 -42.96
CA ARG B 424 10.97 5.53 -42.10
C ARG B 424 11.11 5.00 -40.68
N PHE B 425 10.31 4.01 -40.30
CA PHE B 425 10.23 3.48 -38.94
C PHE B 425 10.59 1.99 -38.93
N GLU B 426 10.85 1.48 -37.74
CA GLU B 426 11.03 0.04 -37.53
C GLU B 426 10.39 -0.33 -36.21
N VAL B 427 9.79 -1.52 -36.17
CA VAL B 427 9.34 -2.12 -34.92
C VAL B 427 10.53 -2.88 -34.35
N VAL B 428 10.92 -2.54 -33.12
CA VAL B 428 12.25 -2.88 -32.60
C VAL B 428 12.32 -4.33 -32.13
N VAL B 429 11.25 -4.82 -31.52
CA VAL B 429 11.14 -6.20 -31.04
C VAL B 429 9.77 -6.73 -31.42
N PRO B 430 9.60 -8.06 -31.45
CA PRO B 430 8.24 -8.61 -31.62
C PRO B 430 7.31 -8.12 -30.52
N ARG B 431 6.06 -7.85 -30.91
CA ARG B 431 5.03 -7.43 -29.96
C ARG B 431 4.36 -8.67 -29.38
N ASN B 432 4.49 -8.88 -28.07
CA ASN B 432 3.84 -10.03 -27.46
C ASN B 432 2.47 -9.71 -26.89
N PHE B 433 2.23 -8.47 -26.48
CA PHE B 433 0.95 -8.14 -25.88
C PHE B 433 0.43 -6.85 -26.48
N ALA B 434 0.18 -5.82 -25.66
CA ALA B 434 -0.40 -4.57 -26.16
C ALA B 434 0.59 -3.40 -26.12
N LEU B 435 1.88 -3.68 -25.99
CA LEU B 435 2.94 -2.69 -26.09
C LEU B 435 3.70 -2.88 -27.39
N VAL B 436 3.88 -1.79 -28.14
CA VAL B 436 4.70 -1.79 -29.34
C VAL B 436 5.88 -0.86 -29.12
N CYS B 437 7.10 -1.34 -29.45
CA CYS B 437 8.31 -0.53 -29.38
C CYS B 437 8.77 -0.20 -30.78
N PHE B 438 8.89 1.10 -31.09
CA PHE B 438 9.21 1.52 -32.45
C PHE B 438 10.13 2.73 -32.39
N ARG B 439 10.76 3.03 -33.53
CA ARG B 439 11.60 4.22 -33.63
C ARG B 439 11.71 4.64 -35.09
N ILE B 440 12.03 5.91 -35.30
CA ILE B 440 12.56 6.36 -36.58
C ILE B 440 13.91 5.69 -36.79
N ARG B 441 14.08 5.05 -37.94
CA ARG B 441 15.32 4.31 -38.15
C ARG B 441 16.39 5.22 -38.75
N ALA B 442 17.64 4.78 -38.64
CA ALA B 442 18.72 5.48 -39.30
C ALA B 442 18.61 5.28 -40.81
N GLY B 443 18.75 6.37 -41.55
CA GLY B 443 18.48 6.37 -42.97
C GLY B 443 17.08 6.81 -43.34
N ALA B 444 16.22 7.06 -42.34
CA ALA B 444 14.89 7.58 -42.63
C ALA B 444 14.96 8.93 -43.33
N GLY B 445 15.83 9.82 -42.86
CA GLY B 445 15.98 11.13 -43.45
C GLY B 445 17.43 11.58 -43.38
N ALA B 446 17.67 12.78 -43.91
CA ALA B 446 19.00 13.36 -43.79
C ALA B 446 19.31 13.73 -42.34
N ALA B 447 18.28 14.04 -41.55
CA ALA B 447 18.40 14.28 -40.11
C ALA B 447 18.42 13.00 -39.30
N ALA B 448 18.29 11.84 -39.94
CA ALA B 448 18.43 10.54 -39.27
C ALA B 448 19.40 9.66 -40.08
N ALA B 449 20.63 10.17 -40.28
CA ALA B 449 21.65 9.51 -41.10
C ALA B 449 22.47 8.49 -40.30
N THR B 450 23.13 8.94 -39.22
CA THR B 450 23.77 7.96 -38.35
C THR B 450 22.80 7.48 -37.29
N GLU B 451 23.20 6.42 -36.60
CA GLU B 451 22.40 5.86 -35.52
C GLU B 451 22.33 6.84 -34.34
N GLU B 452 23.38 7.64 -34.14
CA GLU B 452 23.31 8.72 -33.15
C GLU B 452 22.28 9.78 -33.56
N ASP B 453 22.20 10.08 -34.87
CA ASP B 453 21.22 11.05 -35.34
C ASP B 453 19.80 10.53 -35.17
N ALA B 454 19.59 9.25 -35.44
CA ALA B 454 18.26 8.65 -35.26
C ALA B 454 17.83 8.73 -33.80
N ASP B 455 18.78 8.55 -32.87
CA ASP B 455 18.49 8.70 -31.45
C ASP B 455 17.97 10.10 -31.15
N GLU B 456 18.67 11.13 -31.64
CA GLU B 456 18.24 12.50 -31.42
C GLU B 456 16.89 12.78 -32.07
N ALA B 457 16.65 12.19 -33.25
CA ALA B 457 15.37 12.43 -33.93
C ALA B 457 14.21 11.78 -33.18
N ASN B 458 14.43 10.59 -32.61
CA ASN B 458 13.40 9.93 -31.83
C ASN B 458 13.09 10.71 -30.55
N ARG B 459 14.11 11.26 -29.89
CA ARG B 459 13.83 12.10 -28.73
C ARG B 459 13.05 13.33 -29.14
N GLU B 460 13.41 13.93 -30.27
CA GLU B 460 12.71 15.12 -30.75
C GLU B 460 11.26 14.79 -31.10
N LEU B 461 11.04 13.67 -31.77
CA LEU B 461 9.67 13.25 -32.07
C LEU B 461 8.84 13.12 -30.79
N MET B 462 9.40 12.44 -29.78
CA MET B 462 8.68 12.25 -28.52
C MET B 462 8.30 13.59 -27.90
N GLU B 463 9.25 14.52 -27.84
CA GLU B 463 8.99 15.79 -27.18
C GLU B 463 7.96 16.61 -27.96
N ARG B 464 8.02 16.58 -29.30
CA ARG B 464 7.01 17.28 -30.09
C ARG B 464 5.62 16.68 -29.91
N LEU B 465 5.53 15.36 -29.89
CA LEU B 465 4.23 14.72 -29.64
C LEU B 465 3.65 15.17 -28.31
N ASN B 466 4.46 15.17 -27.25
CA ASN B 466 3.96 15.52 -25.93
C ASN B 466 3.56 16.98 -25.87
N LYS B 467 4.25 17.85 -26.61
CA LYS B 467 3.90 19.27 -26.62
C LYS B 467 2.53 19.52 -27.24
N THR B 468 2.05 18.63 -28.13
CA THR B 468 0.74 18.88 -28.73
C THR B 468 -0.40 18.72 -27.72
N GLY B 469 -0.17 18.05 -26.59
CA GLY B 469 -1.28 17.71 -25.72
C GLY B 469 -2.18 16.59 -26.24
N LYS B 470 -1.95 16.10 -27.45
CA LYS B 470 -2.79 15.05 -28.01
C LYS B 470 -2.16 13.67 -27.86
N ALA B 471 -1.08 13.57 -27.08
CA ALA B 471 -0.45 12.29 -26.79
C ALA B 471 0.48 12.45 -25.59
N TYR B 472 0.75 11.33 -24.93
CA TYR B 472 1.86 11.22 -23.97
C TYR B 472 2.62 9.95 -24.32
N VAL B 473 3.83 10.12 -24.84
CA VAL B 473 4.71 9.04 -25.20
C VAL B 473 5.96 9.18 -24.37
N ALA B 474 6.51 8.05 -23.94
CA ALA B 474 7.77 8.01 -23.22
C ALA B 474 8.62 6.91 -23.84
N HIS B 475 9.90 6.90 -23.47
CA HIS B 475 10.91 6.19 -24.21
C HIS B 475 11.47 5.02 -23.40
N THR B 476 12.33 4.24 -24.04
CA THR B 476 13.21 3.32 -23.35
C THR B 476 14.45 3.13 -24.22
N VAL B 477 15.34 2.24 -23.79
CA VAL B 477 16.54 1.93 -24.56
C VAL B 477 16.57 0.42 -24.76
N VAL B 478 16.67 0.00 -26.02
CA VAL B 478 16.69 -1.41 -26.37
C VAL B 478 17.91 -1.64 -27.23
N GLY B 479 18.80 -2.53 -26.79
CA GLY B 479 20.04 -2.75 -27.53
C GLY B 479 20.80 -1.48 -27.80
N GLY B 480 20.88 -0.60 -26.81
CA GLY B 480 21.61 0.64 -26.96
C GLY B 480 20.99 1.69 -27.85
N ARG B 481 19.76 1.50 -28.31
CA ARG B 481 19.09 2.47 -29.18
C ARG B 481 17.95 3.15 -28.43
N PHE B 482 17.77 4.43 -28.69
CA PHE B 482 16.64 5.17 -28.14
C PHE B 482 15.36 4.76 -28.86
N VAL B 483 14.36 4.31 -28.09
CA VAL B 483 13.18 3.65 -28.62
C VAL B 483 11.94 4.30 -28.01
N LEU B 484 10.88 4.47 -28.81
CA LEU B 484 9.60 4.96 -28.29
C LEU B 484 8.72 3.77 -27.91
N ARG B 485 8.12 3.82 -26.73
CA ARG B 485 7.12 2.84 -26.35
C ARG B 485 5.74 3.35 -26.74
N PHE B 486 4.86 2.43 -27.11
CA PHE B 486 3.48 2.80 -27.39
C PHE B 486 2.60 1.77 -26.68
N ALA B 487 2.07 2.15 -25.52
CA ALA B 487 1.36 1.23 -24.63
C ALA B 487 -0.13 1.47 -24.82
N VAL B 488 -0.80 0.53 -25.48
CA VAL B 488 -2.21 0.61 -25.81
C VAL B 488 -3.03 0.12 -24.62
N GLY B 489 -4.16 0.77 -24.33
CA GLY B 489 -5.07 0.17 -23.37
C GLY B 489 -5.75 1.06 -22.37
N SER B 490 -5.40 2.35 -22.30
CA SER B 490 -6.16 3.28 -21.47
C SER B 490 -7.66 3.03 -21.66
N SER B 491 -8.41 3.01 -20.56
CA SER B 491 -9.75 2.43 -20.62
C SER B 491 -10.70 3.16 -21.57
N LEU B 492 -10.59 4.49 -21.68
CA LEU B 492 -11.45 5.23 -22.61
C LEU B 492 -10.96 5.17 -24.06
N GLN B 493 -9.81 4.56 -24.30
CA GLN B 493 -9.19 4.60 -25.61
C GLN B 493 -9.85 3.60 -26.57
N GLU B 494 -10.20 4.08 -27.77
CA GLU B 494 -10.80 3.27 -28.83
C GLU B 494 -9.85 3.21 -30.03
N GLU B 495 -10.19 2.36 -31.01
CA GLU B 495 -9.27 2.16 -32.14
C GLU B 495 -8.99 3.47 -32.88
N HIS B 496 -10.00 4.33 -33.03
CA HIS B 496 -9.76 5.57 -33.75
C HIS B 496 -8.74 6.46 -33.05
N HIS B 497 -8.66 6.39 -31.71
CA HIS B 497 -7.61 7.13 -31.01
C HIS B 497 -6.22 6.65 -31.41
N VAL B 498 -6.08 5.34 -31.61
CA VAL B 498 -4.77 4.77 -31.93
C VAL B 498 -4.38 5.13 -33.36
N ARG B 499 -5.34 5.04 -34.29
CA ARG B 499 -5.06 5.44 -35.67
C ARG B 499 -4.74 6.93 -35.73
N SER B 500 -5.47 7.75 -34.97
CA SER B 500 -5.20 9.18 -34.95
C SER B 500 -3.81 9.48 -34.41
N ALA B 501 -3.37 8.74 -33.38
CA ALA B 501 -2.02 8.93 -32.88
C ALA B 501 -0.98 8.61 -33.95
N TRP B 502 -1.21 7.53 -34.71
CA TRP B 502 -0.27 7.18 -35.77
C TRP B 502 -0.20 8.27 -36.83
N GLU B 503 -1.34 8.86 -37.20
CA GLU B 503 -1.33 9.98 -38.16
C GLU B 503 -0.54 11.17 -37.62
N LEU B 504 -0.67 11.43 -36.32
CA LEU B 504 0.10 12.51 -35.69
C LEU B 504 1.59 12.20 -35.69
N ILE B 505 1.94 10.93 -35.46
CA ILE B 505 3.34 10.51 -35.52
C ILE B 505 3.90 10.74 -36.93
N LYS B 506 3.15 10.29 -37.96
CA LYS B 506 3.59 10.51 -39.34
C LYS B 506 3.71 12.00 -39.65
N LYS B 507 2.68 12.77 -39.30
CA LYS B 507 2.69 14.19 -39.59
C LYS B 507 3.90 14.87 -38.95
N THR B 508 4.12 14.60 -37.66
CA THR B 508 5.21 15.23 -36.91
C THR B 508 6.57 14.84 -37.49
N THR B 509 6.73 13.56 -37.85
CA THR B 509 7.99 13.10 -38.41
C THR B 509 8.28 13.75 -39.75
N THR B 510 7.24 13.92 -40.58
CA THR B 510 7.40 14.58 -41.88
C THR B 510 7.87 16.02 -41.69
N GLU B 511 7.23 16.76 -40.79
CA GLU B 511 7.63 18.14 -40.51
C GLU B 511 9.06 18.22 -39.97
N MET B 512 9.52 17.17 -39.25
CA MET B 512 10.89 17.17 -38.71
C MET B 512 11.92 17.01 -39.80
N MET B 513 11.76 16.00 -40.66
CA MET B 513 12.62 15.74 -41.81
C MET B 513 12.48 16.79 -42.91
N ASN B 514 11.76 17.88 -42.63
CA ASN B 514 11.59 19.01 -43.54
C ASN B 514 10.91 18.58 -44.84
N1 PLP C . 1.93 1.26 15.83
C2 PLP C . 0.96 1.81 16.65
C2A PLP C . 1.33 2.55 17.90
C3 PLP C . -0.37 1.67 16.32
O3 PLP C . -1.33 2.22 17.14
C4 PLP C . -0.74 1.00 15.16
C4A PLP C . -2.13 1.18 14.61
C5 PLP C . 0.23 0.46 14.34
C6 PLP C . 1.57 0.58 14.68
C5A PLP C . -0.22 -0.29 13.09
O4P PLP C . 0.81 -0.55 12.18
P PLP C . 0.49 -0.77 10.59
O1P PLP C . -0.63 -1.77 10.41
O2P PLP C . 1.77 -1.24 9.95
O3P PLP C . 0.03 0.52 9.94
C ACT D . 4.89 1.18 -13.63
O ACT D . 4.31 0.92 -12.50
OXT ACT D . 6.08 1.54 -13.84
CH3 ACT D . 4.00 1.07 -14.93
C ACT E . -6.88 1.37 12.62
O ACT E . -7.43 2.46 12.33
OXT ACT E . -6.90 0.71 13.71
CH3 ACT E . -6.00 0.74 11.50
CA CA F . -16.00 11.52 17.84
CA CA G . 18.26 12.24 -8.60
C1 PEG H . -25.81 -13.73 -14.30
O1 PEG H . -25.61 -13.80 -12.90
C2 PEG H . -24.55 -14.16 -15.04
O2 PEG H . -24.34 -15.55 -14.90
C3 PEG H . -23.20 -16.00 -15.57
C4 PEG H . -22.91 -17.46 -15.26
O4 PEG H . -21.84 -17.86 -16.08
C1 PEG I . 8.70 11.29 -18.99
O1 PEG I . 8.31 10.67 -17.78
C2 PEG I . 7.79 12.45 -19.43
O2 PEG I . 8.50 13.37 -20.23
C3 PEG I . 8.68 14.66 -19.66
C4 PEG I . 9.87 15.37 -20.32
O4 PEG I . 11.11 14.95 -19.79
N1 PLP J . 7.65 -5.26 -12.70
C2 PLP J . 6.91 -5.14 -13.86
C2A PLP J . 7.02 -6.18 -14.95
C3 PLP J . 6.06 -4.06 -13.99
O3 PLP J . 5.32 -3.95 -15.13
C4 PLP J . 5.93 -3.11 -12.96
C4A PLP J . 4.59 -2.47 -12.75
C5 PLP J . 6.70 -3.24 -11.82
C6 PLP J . 7.56 -4.33 -11.69
C5A PLP J . 6.60 -2.20 -10.72
O4P PLP J . 5.60 -2.58 -9.81
P PLP J . 5.07 -1.67 -8.61
O1P PLP J . 3.71 -2.25 -8.26
O2P PLP J . 6.06 -1.82 -7.47
O3P PLP J . 4.93 -0.21 -8.95
C ACT K . 0.45 1.11 -13.31
O ACT K . 0.61 1.22 -14.57
OXT ACT K . 1.32 1.10 -12.37
CH3 ACT K . -1.01 0.97 -12.85
C ACT L . 13.70 -0.90 -15.59
O ACT L . 13.37 -0.74 -14.38
OXT ACT L . 14.88 -0.89 -16.09
CH3 ACT L . 12.52 -1.13 -16.61
CA CA M . -9.63 -1.25 -24.10
CA CA N . -18.61 -27.32 0.31
#